data_6IYO
#
_entry.id   6IYO
#
_cell.length_a   49.093
_cell.length_b   73.367
_cell.length_c   248.000
_cell.angle_alpha   90.00
_cell.angle_beta   90.00
_cell.angle_gamma   90.00
#
_symmetry.space_group_name_H-M   'P 2 21 21'
#
loop_
_entity.id
_entity.type
_entity.pdbx_description
1 polymer 'Type I modular polyketide synthase'
2 water water
#
_entity_poly.entity_id   1
_entity_poly.type   'polypeptide(L)'
_entity_poly.pdbx_seq_one_letter_code
;MGSSHHHHHHSSGLVPRGSHMEAPAAPAAEAPAAGTESGMAAGLVAWPLSARGERALRGQAGRLADWADAGTGLSATASA
LVHRRSALEHRAVVTADSLEGQLAALRALAAGEEAPGLRQGQLPATQGRLAFLFSGQGAQRAGMGRELYAAEPVFAAAFD
EVCAAFGEDLRERIFTARQEELDRTGTTQPALFAIEVALFRLVESLGVRPDFVAGHSIGELAAAHVAGVLSLPDACRLVA
ARGQLMEALPEGGAMVSVRATEDEVRAHLAEFTGRVDVAAVNGPESVVLSGEEAAVEEIAGRLAEAGRKTRRLRVSHAFH
SPLMEPMLDAFRRVAEELTYQAPSVPVVSNLTGEQVTAFDAAYWVEHVRRAVRFADGIGFLASRGVTRFVELGPDGVLTA
MAQETLTDPETLLLPVLRKDRPEPEAFLDALAQAWTRGVDVDWAARYGPEQSTGVSLPTYAFQ
;
_entity_poly.pdbx_strand_id   A,B
#
# COMPACT_ATOMS: atom_id res chain seq x y z
N ALA A 42 -11.95 32.28 3.71
CA ALA A 42 -11.01 32.03 4.86
C ALA A 42 -10.80 30.52 5.06
N GLY A 43 -9.55 30.07 4.92
CA GLY A 43 -9.21 28.65 5.02
C GLY A 43 -9.35 28.08 6.42
N LEU A 44 -10.01 26.93 6.53
CA LEU A 44 -10.12 26.23 7.79
C LEU A 44 -8.81 25.54 8.10
N VAL A 45 -8.48 25.49 9.39
CA VAL A 45 -7.31 24.77 9.83
C VAL A 45 -7.70 23.80 10.94
N ALA A 46 -7.17 22.58 10.84
CA ALA A 46 -7.46 21.52 11.80
C ALA A 46 -6.30 21.39 12.79
N TRP A 47 -6.61 21.30 14.09
CA TRP A 47 -5.61 20.93 15.10
C TRP A 47 -5.96 19.56 15.67
N PRO A 48 -5.16 18.56 15.34
CA PRO A 48 -5.41 17.21 15.80
C PRO A 48 -4.72 16.92 17.13
N LEU A 49 -5.49 16.59 18.17
CA LEU A 49 -4.95 16.24 19.49
C LEU A 49 -5.19 14.76 19.80
N SER A 50 -4.28 14.13 20.55
CA SER A 50 -4.51 12.76 21.00
C SER A 50 -3.86 12.52 22.33
N ALA A 51 -4.48 11.63 23.10
CA ALA A 51 -4.05 11.38 24.46
C ALA A 51 -4.56 10.03 24.92
N ARG A 52 -4.03 9.58 26.05
CA ARG A 52 -4.39 8.31 26.63
C ARG A 52 -5.43 8.57 27.72
N GLY A 53 -6.64 8.11 27.48
CA GLY A 53 -7.77 8.47 28.33
C GLY A 53 -8.36 9.82 27.97
N GLU A 54 -9.60 9.99 28.38
CA GLU A 54 -10.42 11.11 28.00
C GLU A 54 -10.07 12.33 28.82
N ARG A 55 -9.84 12.15 30.12
CA ARG A 55 -9.56 13.29 30.98
C ARG A 55 -8.27 14.00 30.55
N ALA A 56 -7.29 13.22 30.11
CA ALA A 56 -6.01 13.75 29.65
C ALA A 56 -6.18 14.52 28.33
N LEU A 57 -7.02 14.00 27.44
CA LEU A 57 -7.38 14.72 26.24
C LEU A 57 -8.02 16.06 26.59
N ARG A 58 -8.95 16.04 27.53
CA ARG A 58 -9.64 17.27 27.93
C ARG A 58 -8.71 18.28 28.59
N GLY A 59 -7.70 17.78 29.29
CA GLY A 59 -6.77 18.63 30.00
C GLY A 59 -5.83 19.28 29.01
N GLN A 60 -5.33 18.46 28.09
CA GLN A 60 -4.48 18.93 27.04
C GLN A 60 -5.19 20.07 26.29
N ALA A 61 -6.47 19.92 26.04
CA ALA A 61 -7.22 20.92 25.32
C ALA A 61 -7.26 22.22 26.09
N GLY A 62 -7.47 22.13 27.40
CA GLY A 62 -7.54 23.33 28.23
C GLY A 62 -6.23 24.09 28.29
N ARG A 63 -5.13 23.35 28.38
CA ARG A 63 -3.84 23.96 28.48
C ARG A 63 -3.48 24.56 27.13
N LEU A 64 -3.87 23.89 26.05
CA LEU A 64 -3.52 24.37 24.74
C LEU A 64 -4.24 25.69 24.48
N ALA A 65 -5.45 25.81 25.01
CA ALA A 65 -6.23 27.02 24.84
C ALA A 65 -5.63 28.13 25.66
N ASP A 66 -5.17 27.79 26.86
CA ASP A 66 -4.58 28.80 27.73
C ASP A 66 -3.33 29.36 27.08
N TRP A 67 -2.55 28.50 26.47
CA TRP A 67 -1.30 28.87 25.84
C TRP A 67 -1.60 29.72 24.60
N ALA A 68 -2.67 29.37 23.89
CA ALA A 68 -2.95 29.95 22.59
C ALA A 68 -3.68 31.30 22.70
N ASP A 69 -4.29 31.55 23.86
CA ASP A 69 -5.05 32.78 24.08
C ASP A 69 -4.31 34.04 23.62
N ALA A 70 -3.03 34.16 23.90
CA ALA A 70 -2.30 35.39 23.52
C ALA A 70 -1.91 35.45 22.01
N GLY A 71 -2.23 34.40 21.25
CA GLY A 71 -1.95 34.39 19.80
C GLY A 71 -1.03 33.25 19.39
N THR A 72 -1.35 32.60 18.27
CA THR A 72 -0.40 31.76 17.57
C THR A 72 -0.90 31.63 16.13
N GLY A 73 0.02 31.33 15.23
CA GLY A 73 -0.35 30.96 13.86
C GLY A 73 -1.14 29.65 13.85
N LEU A 74 -2.26 29.68 13.17
CA LEU A 74 -3.17 28.57 13.09
C LEU A 74 -2.52 27.36 12.42
N SER A 75 -1.88 27.58 11.27
CA SER A 75 -1.33 26.45 10.55
C SER A 75 0.02 26.07 11.13
N ALA A 76 0.73 27.07 11.67
CA ALA A 76 1.97 26.78 12.38
C ALA A 76 1.70 25.87 13.55
N THR A 77 0.64 26.14 14.29
CA THR A 77 0.29 25.35 15.47
C THR A 77 -0.17 23.93 15.07
N ALA A 78 -0.84 23.83 13.92
CA ALA A 78 -1.19 22.51 13.37
C ALA A 78 0.03 21.67 13.11
N SER A 79 1.04 22.24 12.45
CA SER A 79 2.29 21.49 12.19
C SER A 79 2.93 21.07 13.49
N ALA A 80 3.06 22.01 14.40
CA ALA A 80 3.73 21.78 15.65
C ALA A 80 3.03 20.61 16.38
N LEU A 81 1.71 20.58 16.33
CA LEU A 81 1.00 19.53 17.00
C LEU A 81 1.29 18.16 16.37
N VAL A 82 1.42 18.10 15.06
CA VAL A 82 1.65 16.80 14.46
C VAL A 82 3.08 16.32 14.62
N HIS A 83 4.04 17.24 14.54
CA HIS A 83 5.45 16.81 14.58
C HIS A 83 6.00 16.65 15.99
N ARG A 84 5.49 17.42 16.93
CA ARG A 84 5.86 17.25 18.31
C ARG A 84 5.45 15.85 18.74
N ARG A 85 4.29 15.40 18.32
CA ARG A 85 3.70 14.15 18.78
C ARG A 85 4.55 12.94 18.32
N SER A 86 4.90 12.94 17.05
CA SER A 86 5.82 11.91 16.54
C SER A 86 7.17 11.92 17.28
N ALA A 87 7.78 13.08 17.45
CA ALA A 87 9.15 13.15 18.03
C ALA A 87 9.18 12.78 19.53
N LEU A 88 8.04 12.84 20.18
CA LEU A 88 7.96 12.54 21.59
C LEU A 88 7.91 11.03 21.82
N GLU A 89 7.48 10.26 20.83
CA GLU A 89 7.16 8.84 21.09
C GLU A 89 8.44 8.01 21.21
N HIS A 90 8.61 7.38 22.37
CA HIS A 90 9.70 6.44 22.59
C HIS A 90 9.19 5.02 22.60
N ARG A 91 9.99 4.11 22.03
CA ARG A 91 9.55 2.73 21.86
C ARG A 91 10.57 1.76 22.38
N ALA A 92 10.10 0.58 22.79
CA ALA A 92 11.02 -0.52 23.03
C ALA A 92 10.34 -1.83 22.76
N VAL A 93 11.17 -2.84 22.52
CA VAL A 93 10.70 -4.20 22.43
C VAL A 93 11.57 -5.16 23.25
N VAL A 94 10.95 -5.96 24.11
CA VAL A 94 11.68 -7.01 24.79
C VAL A 94 11.28 -8.35 24.23
N THR A 95 12.26 -9.19 23.96
CA THR A 95 12.07 -10.45 23.20
C THR A 95 12.78 -11.57 23.95
N ALA A 96 12.07 -12.64 24.31
CA ALA A 96 12.69 -13.81 24.93
C ALA A 96 11.81 -15.05 24.76
N ASP A 97 12.31 -16.20 25.20
CA ASP A 97 11.53 -17.46 25.10
C ASP A 97 11.05 -17.93 26.44
N SER A 98 11.27 -17.10 27.45
CA SER A 98 10.76 -17.39 28.77
C SER A 98 10.37 -16.11 29.48
N LEU A 99 9.57 -16.25 30.53
CA LEU A 99 9.08 -15.13 31.29
C LEU A 99 10.25 -14.53 32.05
N GLU A 100 11.12 -15.40 32.57
CA GLU A 100 12.30 -14.97 33.29
C GLU A 100 13.10 -14.00 32.42
N GLY A 101 13.31 -14.37 31.16
CA GLY A 101 14.01 -13.54 30.21
C GLY A 101 13.30 -12.23 29.91
N GLN A 102 11.99 -12.27 29.74
CA GLN A 102 11.27 -11.03 29.43
C GLN A 102 11.43 -10.09 30.62
N LEU A 103 11.33 -10.65 31.82
CA LEU A 103 11.34 -9.85 33.03
C LEU A 103 12.70 -9.17 33.17
N ALA A 104 13.77 -9.89 32.91
CA ALA A 104 15.09 -9.32 33.07
C ALA A 104 15.29 -8.18 32.06
N ALA A 105 14.86 -8.38 30.83
CA ALA A 105 15.05 -7.33 29.84
C ALA A 105 14.20 -6.12 30.22
N LEU A 106 13.04 -6.36 30.83
CA LEU A 106 12.19 -5.26 31.27
C LEU A 106 12.80 -4.50 32.42
N ARG A 107 13.45 -5.20 33.34
CA ARG A 107 14.07 -4.54 34.45
C ARG A 107 15.22 -3.69 33.98
N ALA A 108 15.97 -4.22 33.02
CA ALA A 108 17.09 -3.49 32.47
C ALA A 108 16.60 -2.18 31.88
N LEU A 109 15.51 -2.25 31.13
CA LEU A 109 14.97 -1.06 30.49
C LEU A 109 14.58 -0.06 31.57
N ALA A 110 13.93 -0.55 32.62
CA ALA A 110 13.47 0.32 33.70
C ALA A 110 14.63 1.07 34.32
N ALA A 111 15.75 0.39 34.50
CA ALA A 111 16.89 0.96 35.16
C ALA A 111 17.75 1.77 34.18
N GLY A 112 17.39 1.76 32.91
CA GLY A 112 18.18 2.46 31.90
C GLY A 112 19.41 1.73 31.43
N GLU A 113 19.43 0.41 31.60
CA GLU A 113 20.56 -0.41 31.20
C GLU A 113 20.40 -0.92 29.78
N GLU A 114 21.48 -1.42 29.19
CA GLU A 114 21.36 -2.21 27.96
C GLU A 114 21.13 -3.66 28.35
N ALA A 115 20.59 -4.46 27.44
CA ALA A 115 20.45 -5.89 27.70
C ALA A 115 20.20 -6.67 26.43
N PRO A 116 20.71 -7.91 26.38
CA PRO A 116 20.31 -8.82 25.30
C PRO A 116 18.79 -9.02 25.31
N GLY A 117 18.17 -8.95 24.15
CA GLY A 117 16.72 -9.05 24.05
C GLY A 117 15.95 -7.73 24.26
N LEU A 118 16.67 -6.62 24.44
CA LEU A 118 16.06 -5.29 24.54
C LEU A 118 16.48 -4.40 23.37
N ARG A 119 15.51 -3.98 22.59
CA ARG A 119 15.74 -2.92 21.59
C ARG A 119 14.93 -1.73 21.99
N GLN A 120 15.45 -0.56 21.75
CA GLN A 120 14.71 0.63 22.05
C GLN A 120 15.13 1.78 21.15
N GLY A 121 14.21 2.73 20.95
CA GLY A 121 14.52 3.92 20.17
C GLY A 121 13.40 4.94 20.28
N GLN A 122 13.29 5.80 19.26
CA GLN A 122 12.50 7.02 19.35
C GLN A 122 12.19 7.45 17.92
N LEU A 123 10.94 7.78 17.64
CA LEU A 123 10.52 8.15 16.30
C LEU A 123 11.09 9.51 15.92
N PRO A 124 11.38 9.70 14.64
CA PRO A 124 11.73 11.02 14.22
C PRO A 124 10.48 11.90 14.05
N ALA A 125 10.69 13.20 13.97
CA ALA A 125 9.58 14.15 13.85
C ALA A 125 8.87 13.89 12.54
N THR A 126 9.68 13.73 11.50
CA THR A 126 9.21 13.41 10.16
C THR A 126 9.59 11.97 9.85
N GLN A 127 8.60 11.16 9.50
CA GLN A 127 8.83 9.76 9.14
C GLN A 127 9.23 9.62 7.68
N GLY A 128 10.34 8.96 7.42
CA GLY A 128 10.83 8.78 6.04
C GLY A 128 10.27 7.56 5.33
N ARG A 129 10.59 7.44 4.05
CA ARG A 129 10.08 6.34 3.23
C ARG A 129 10.98 5.10 3.31
N LEU A 130 10.44 3.99 2.86
CA LEU A 130 10.97 2.70 3.20
C LEU A 130 11.19 1.95 1.89
N ALA A 131 12.37 1.36 1.73
CA ALA A 131 12.64 0.52 0.53
C ALA A 131 13.09 -0.90 0.89
N PHE A 132 12.66 -1.89 0.12
CA PHE A 132 13.25 -3.22 0.23
C PHE A 132 14.38 -3.42 -0.77
N LEU A 133 15.50 -3.99 -0.30
CA LEU A 133 16.63 -4.36 -1.14
C LEU A 133 16.76 -5.88 -1.25
N PHE A 134 16.70 -6.41 -2.47
CA PHE A 134 16.74 -7.84 -2.67
C PHE A 134 18.13 -8.32 -3.09
N SER A 135 18.63 -9.30 -2.36
CA SER A 135 19.96 -9.84 -2.53
C SER A 135 20.31 -10.49 -3.86
N GLY A 136 21.57 -10.38 -4.20
CA GLY A 136 22.15 -10.95 -5.40
C GLY A 136 22.96 -12.20 -5.16
N GLN A 137 23.77 -12.52 -6.15
CA GLN A 137 24.67 -13.65 -6.18
C GLN A 137 25.70 -13.63 -5.09
N GLY A 138 25.96 -14.80 -4.55
CA GLY A 138 26.98 -15.01 -3.54
C GLY A 138 26.43 -14.99 -2.13
N ALA A 139 25.19 -14.56 -2.03
CA ALA A 139 24.49 -14.52 -0.77
C ALA A 139 24.17 -15.91 -0.24
N GLN A 140 23.79 -16.80 -1.15
CA GLN A 140 23.34 -18.12 -0.78
C GLN A 140 24.28 -18.99 0.06
N ARG A 141 23.68 -19.63 1.05
CA ARG A 141 24.35 -20.53 1.98
C ARG A 141 23.51 -21.78 2.06
N ALA A 142 24.16 -22.92 2.23
CA ALA A 142 23.45 -24.16 2.29
C ALA A 142 22.52 -24.24 3.48
N GLY A 143 21.32 -24.71 3.23
CA GLY A 143 20.34 -24.83 4.28
C GLY A 143 19.58 -23.56 4.60
N MET A 144 19.76 -22.52 3.81
CA MET A 144 19.10 -21.25 4.07
C MET A 144 17.59 -21.41 4.00
N GLY A 145 16.88 -20.78 4.92
CA GLY A 145 15.42 -20.82 4.90
C GLY A 145 14.79 -21.91 5.76
N ARG A 146 15.58 -22.90 6.17
CA ARG A 146 15.06 -24.12 6.76
C ARG A 146 14.52 -23.85 8.16
N GLU A 147 15.24 -23.08 8.95
CA GLU A 147 14.77 -22.63 10.28
C GLU A 147 13.53 -21.74 10.16
N LEU A 148 13.54 -20.77 9.24
CA LEU A 148 12.42 -19.87 9.12
C LEU A 148 11.21 -20.64 8.69
N TYR A 149 11.44 -21.64 7.83
CA TYR A 149 10.34 -22.40 7.25
C TYR A 149 9.60 -23.08 8.39
N ALA A 150 10.35 -23.62 9.34
CA ALA A 150 9.77 -24.45 10.39
C ALA A 150 9.05 -23.60 11.42
N ALA A 151 9.38 -22.31 11.45
CA ALA A 151 8.87 -21.45 12.51
C ALA A 151 7.85 -20.41 12.03
N GLU A 152 7.77 -20.19 10.72
CA GLU A 152 6.96 -19.08 10.22
C GLU A 152 6.03 -19.55 9.10
N PRO A 153 4.73 -19.76 9.41
CA PRO A 153 3.88 -20.47 8.47
C PRO A 153 3.59 -19.70 7.19
N VAL A 154 3.57 -18.37 7.25
CA VAL A 154 3.38 -17.55 6.04
C VAL A 154 4.58 -17.69 5.09
N PHE A 155 5.76 -17.74 5.65
CA PHE A 155 6.99 -17.89 4.87
C PHE A 155 7.01 -19.27 4.25
N ALA A 156 6.63 -20.26 5.05
CA ALA A 156 6.57 -21.64 4.57
C ALA A 156 5.63 -21.73 3.37
N ALA A 157 4.43 -21.20 3.52
CA ALA A 157 3.42 -21.37 2.48
C ALA A 157 3.85 -20.70 1.18
N ALA A 158 4.42 -19.50 1.29
CA ALA A 158 4.87 -18.78 0.07
C ALA A 158 6.09 -19.44 -0.56
N PHE A 159 6.98 -19.94 0.28
CA PHE A 159 8.13 -20.70 -0.21
C PHE A 159 7.70 -21.99 -0.95
N ASP A 160 6.82 -22.77 -0.35
CA ASP A 160 6.29 -23.98 -1.02
C ASP A 160 5.70 -23.64 -2.38
N GLU A 161 4.87 -22.61 -2.40
CA GLU A 161 4.20 -22.16 -3.61
C GLU A 161 5.18 -21.76 -4.71
N VAL A 162 6.20 -21.00 -4.34
CA VAL A 162 7.18 -20.59 -5.33
C VAL A 162 7.98 -21.78 -5.86
N CYS A 163 8.38 -22.68 -4.96
CA CYS A 163 9.16 -23.86 -5.36
C CYS A 163 8.35 -24.81 -6.22
N ALA A 164 7.08 -24.97 -5.90
CA ALA A 164 6.21 -25.80 -6.70
C ALA A 164 6.14 -25.25 -8.11
N ALA A 165 6.13 -23.92 -8.23
CA ALA A 165 6.05 -23.29 -9.54
C ALA A 165 7.24 -23.67 -10.37
N PHE A 166 8.42 -23.68 -9.77
CA PHE A 166 9.64 -24.09 -10.45
C PHE A 166 9.65 -25.57 -10.82
N GLY A 167 9.08 -26.40 -9.95
CA GLY A 167 9.11 -27.82 -10.16
C GLY A 167 10.44 -28.34 -9.62
N GLU A 168 10.85 -29.49 -10.14
CA GLU A 168 12.18 -30.04 -9.92
C GLU A 168 12.56 -30.34 -8.51
N ASP A 169 11.58 -30.52 -7.63
CA ASP A 169 11.81 -30.76 -6.20
C ASP A 169 12.73 -29.68 -5.61
N LEU A 170 12.47 -28.42 -5.93
CA LEU A 170 13.36 -27.37 -5.50
C LEU A 170 13.50 -27.14 -4.00
N ARG A 171 12.39 -27.22 -3.26
CA ARG A 171 12.48 -26.93 -1.84
C ARG A 171 13.42 -27.84 -1.10
N GLU A 172 13.35 -29.12 -1.37
CA GLU A 172 14.23 -30.07 -0.72
C GLU A 172 15.67 -29.83 -1.10
N ARG A 173 15.87 -29.53 -2.38
CA ARG A 173 17.22 -29.32 -2.86
C ARG A 173 17.82 -28.15 -2.15
N ILE A 174 17.04 -27.10 -1.97
CA ILE A 174 17.57 -25.95 -1.27
C ILE A 174 17.88 -26.25 0.19
N PHE A 175 16.97 -26.94 0.88
CA PHE A 175 17.16 -27.29 2.28
C PHE A 175 18.23 -28.35 2.45
N THR A 176 18.17 -29.39 1.59
CA THR A 176 19.08 -30.53 1.63
C THR A 176 20.47 -30.25 1.02
N ALA A 177 20.52 -29.49 -0.08
CA ALA A 177 21.68 -29.48 -0.96
C ALA A 177 22.96 -29.02 -0.27
N ARG A 178 24.06 -29.66 -0.68
CA ARG A 178 25.40 -29.24 -0.37
C ARG A 178 25.68 -27.84 -0.93
N GLN A 179 26.64 -27.16 -0.32
CA GLN A 179 27.06 -25.84 -0.78
C GLN A 179 27.39 -25.82 -2.27
N GLU A 180 28.12 -26.82 -2.76
CA GLU A 180 28.59 -26.81 -4.15
C GLU A 180 27.41 -26.87 -5.10
N GLU A 181 26.42 -27.68 -4.76
CA GLU A 181 25.20 -27.80 -5.55
C GLU A 181 24.41 -26.50 -5.56
N LEU A 182 24.39 -25.83 -4.41
CA LEU A 182 23.66 -24.57 -4.28
C LEU A 182 24.30 -23.49 -5.15
N ASP A 183 25.62 -23.56 -5.28
CA ASP A 183 26.38 -22.49 -5.93
C ASP A 183 26.38 -22.67 -7.47
N ARG A 184 25.74 -23.74 -7.95
CA ARG A 184 25.42 -23.90 -9.38
C ARG A 184 24.25 -23.01 -9.79
N THR A 185 24.52 -22.11 -10.71
CA THR A 185 23.74 -20.91 -10.84
C THR A 185 22.34 -21.23 -11.39
N GLY A 186 22.17 -22.42 -11.95
CA GLY A 186 20.83 -22.90 -12.33
C GLY A 186 19.99 -23.23 -11.10
N THR A 187 20.67 -23.49 -9.98
CA THR A 187 19.99 -23.75 -8.72
C THR A 187 19.98 -22.45 -7.87
N THR A 188 21.08 -21.73 -7.91
CA THR A 188 21.26 -20.51 -7.17
C THR A 188 20.16 -19.50 -7.43
N GLN A 189 19.83 -19.26 -8.69
CA GLN A 189 18.95 -18.13 -8.98
C GLN A 189 17.51 -18.46 -8.63
N PRO A 190 17.09 -19.69 -8.88
CA PRO A 190 15.76 -20.05 -8.36
C PRO A 190 15.67 -20.02 -6.84
N ALA A 191 16.74 -20.42 -6.17
CA ALA A 191 16.73 -20.53 -4.71
C ALA A 191 16.65 -19.15 -4.07
N LEU A 192 17.47 -18.24 -4.56
CA LEU A 192 17.49 -16.87 -4.06
C LEU A 192 16.17 -16.20 -4.32
N PHE A 193 15.65 -16.42 -5.52
CA PHE A 193 14.34 -15.86 -5.86
C PHE A 193 13.25 -16.42 -4.94
N ALA A 194 13.33 -17.72 -4.63
CA ALA A 194 12.31 -18.33 -3.80
C ALA A 194 12.37 -17.76 -2.37
N ILE A 195 13.56 -17.74 -1.81
CA ILE A 195 13.76 -17.19 -0.50
C ILE A 195 13.31 -15.74 -0.43
N GLU A 196 13.74 -14.93 -1.38
CA GLU A 196 13.48 -13.50 -1.30
C GLU A 196 11.99 -13.20 -1.41
N VAL A 197 11.29 -13.93 -2.26
CA VAL A 197 9.85 -13.75 -2.42
C VAL A 197 9.09 -14.27 -1.23
N ALA A 198 9.55 -15.37 -0.65
CA ALA A 198 8.93 -15.85 0.58
C ALA A 198 9.09 -14.82 1.70
N LEU A 199 10.29 -14.25 1.83
CA LEU A 199 10.55 -13.28 2.87
C LEU A 199 9.67 -12.04 2.67
N PHE A 200 9.47 -11.66 1.42
CA PHE A 200 8.64 -10.50 1.14
C PHE A 200 7.20 -10.71 1.61
N ARG A 201 6.69 -11.92 1.41
CA ARG A 201 5.31 -12.21 1.83
C ARG A 201 5.22 -12.22 3.35
N LEU A 202 6.24 -12.79 4.00
CA LEU A 202 6.30 -12.78 5.45
C LEU A 202 6.28 -11.36 6.00
N VAL A 203 7.09 -10.48 5.46
CA VAL A 203 7.13 -9.14 6.03
C VAL A 203 5.87 -8.35 5.63
N GLU A 204 5.34 -8.66 4.45
CA GLU A 204 4.06 -8.09 4.03
C GLU A 204 2.91 -8.56 4.95
N SER A 205 2.94 -9.82 5.38
CA SER A 205 1.91 -10.30 6.28
C SER A 205 2.00 -9.57 7.63
N LEU A 206 3.17 -9.03 7.93
CA LEU A 206 3.33 -8.28 9.16
C LEU A 206 3.18 -6.79 8.93
N GLY A 207 2.65 -6.41 7.79
CA GLY A 207 2.16 -5.08 7.57
C GLY A 207 3.26 -4.10 7.17
N VAL A 208 4.42 -4.62 6.81
CA VAL A 208 5.50 -3.77 6.38
C VAL A 208 5.48 -3.61 4.88
N ARG A 209 5.22 -2.39 4.44
CA ARG A 209 4.88 -2.11 3.06
C ARG A 209 5.90 -1.13 2.54
N PRO A 210 6.60 -1.49 1.46
CA PRO A 210 7.65 -0.61 0.98
C PRO A 210 7.06 0.45 0.08
N ASP A 211 7.71 1.61 0.03
CA ASP A 211 7.43 2.62 -1.00
C ASP A 211 8.24 2.43 -2.28
N PHE A 212 9.37 1.74 -2.15
CA PHE A 212 10.18 1.33 -3.32
C PHE A 212 10.75 -0.09 -3.13
N VAL A 213 10.96 -0.80 -4.22
CA VAL A 213 11.81 -1.99 -4.21
C VAL A 213 13.00 -1.89 -5.19
N ALA A 214 14.11 -2.53 -4.81
CA ALA A 214 15.31 -2.61 -5.62
C ALA A 214 15.99 -3.95 -5.35
N GLY A 215 16.84 -4.38 -6.29
CA GLY A 215 17.54 -5.63 -6.17
C GLY A 215 18.94 -5.55 -6.76
N HIS A 216 19.72 -6.60 -6.61
CA HIS A 216 21.01 -6.65 -7.22
C HIS A 216 21.02 -7.87 -8.11
N SER A 217 21.13 -7.65 -9.42
CA SER A 217 21.12 -8.76 -10.35
C SER A 217 19.84 -9.61 -10.23
N ILE A 218 19.98 -10.85 -9.81
CA ILE A 218 18.83 -11.74 -9.67
C ILE A 218 17.81 -11.14 -8.71
N GLY A 219 18.27 -10.35 -7.76
CA GLY A 219 17.40 -9.72 -6.79
C GLY A 219 16.34 -8.85 -7.43
N GLU A 220 16.70 -8.19 -8.52
CA GLU A 220 15.77 -7.36 -9.26
C GLU A 220 14.58 -8.14 -9.81
N LEU A 221 14.80 -9.36 -10.23
CA LEU A 221 13.70 -10.17 -10.73
C LEU A 221 12.68 -10.46 -9.61
N ALA A 222 13.16 -10.64 -8.39
CA ALA A 222 12.28 -10.82 -7.25
C ALA A 222 11.48 -9.55 -6.98
N ALA A 223 12.16 -8.42 -7.03
CA ALA A 223 11.54 -7.14 -6.79
C ALA A 223 10.48 -6.87 -7.87
N ALA A 224 10.75 -7.31 -9.09
CA ALA A 224 9.80 -7.06 -10.17
C ALA A 224 8.56 -7.90 -9.95
N HIS A 225 8.77 -9.16 -9.62
CA HIS A 225 7.66 -10.09 -9.43
C HIS A 225 6.76 -9.60 -8.30
N VAL A 226 7.41 -9.13 -7.26
CA VAL A 226 6.73 -8.71 -6.06
C VAL A 226 6.02 -7.35 -6.23
N ALA A 227 6.49 -6.55 -7.17
CA ALA A 227 5.78 -5.33 -7.56
C ALA A 227 4.72 -5.60 -8.63
N GLY A 228 4.50 -6.87 -8.94
CA GLY A 228 3.39 -7.27 -9.79
C GLY A 228 3.69 -7.20 -11.27
N VAL A 229 4.95 -7.06 -11.64
CA VAL A 229 5.32 -7.00 -13.04
C VAL A 229 5.14 -8.34 -13.76
N LEU A 230 5.49 -9.43 -13.09
CA LEU A 230 5.37 -10.75 -13.67
C LEU A 230 4.45 -11.60 -12.83
N SER A 231 3.64 -12.43 -13.48
CA SER A 231 2.94 -13.47 -12.79
C SER A 231 4.01 -14.36 -12.21
N LEU A 232 3.65 -15.17 -11.23
CA LEU A 232 4.59 -16.13 -10.66
C LEU A 232 5.05 -17.14 -11.70
N PRO A 233 4.12 -17.65 -12.52
CA PRO A 233 4.58 -18.64 -13.49
C PRO A 233 5.54 -18.05 -14.50
N ASP A 234 5.27 -16.82 -14.94
CA ASP A 234 6.17 -16.12 -15.87
C ASP A 234 7.51 -15.86 -15.19
N ALA A 235 7.46 -15.35 -13.97
CA ALA A 235 8.64 -15.08 -13.20
C ALA A 235 9.52 -16.30 -13.05
N CYS A 236 8.93 -17.44 -12.72
CA CYS A 236 9.71 -18.69 -12.57
C CYS A 236 10.31 -19.15 -13.88
N ARG A 237 9.55 -19.01 -14.94
CA ARG A 237 10.07 -19.37 -16.23
C ARG A 237 11.27 -18.48 -16.60
N LEU A 238 11.17 -17.19 -16.30
CA LEU A 238 12.26 -16.25 -16.56
C LEU A 238 13.50 -16.54 -15.71
N VAL A 239 13.28 -16.79 -14.44
CA VAL A 239 14.39 -17.06 -13.52
C VAL A 239 15.01 -18.40 -13.83
N ALA A 240 14.18 -19.38 -14.11
CA ALA A 240 14.68 -20.74 -14.40
C ALA A 240 15.60 -20.71 -15.61
N ALA A 241 15.20 -19.98 -16.65
CA ALA A 241 15.98 -19.94 -17.89
C ALA A 241 17.26 -19.12 -17.70
N ARG A 242 17.14 -18.01 -16.97
CA ARG A 242 18.30 -17.15 -16.69
C ARG A 242 19.43 -17.92 -16.02
N GLY A 243 19.07 -18.74 -15.02
CA GLY A 243 20.03 -19.58 -14.33
C GLY A 243 20.58 -20.71 -15.19
N GLN A 244 19.66 -21.45 -15.82
CA GLN A 244 20.01 -22.66 -16.59
C GLN A 244 20.87 -22.32 -17.78
N LEU A 245 20.54 -21.23 -18.46
CA LEU A 245 21.32 -20.81 -19.62
C LEU A 245 22.70 -20.32 -19.23
N MET A 246 22.87 -19.68 -18.09
CA MET A 246 24.23 -19.32 -17.75
C MET A 246 25.02 -20.48 -17.21
N GLU A 247 24.36 -21.47 -16.62
CA GLU A 247 25.12 -22.55 -16.01
C GLU A 247 25.79 -23.35 -17.11
N ALA A 248 25.19 -23.33 -18.29
CA ALA A 248 25.77 -24.01 -19.43
C ALA A 248 26.97 -23.29 -20.03
N LEU A 249 27.10 -21.98 -19.81
CA LEU A 249 28.29 -21.29 -20.29
C LEU A 249 29.55 -21.93 -19.74
N PRO A 250 30.66 -21.85 -20.49
CA PRO A 250 31.90 -22.52 -20.09
C PRO A 250 32.67 -21.77 -19.00
N GLU A 251 33.64 -22.43 -18.41
CA GLU A 251 34.54 -21.82 -17.45
C GLU A 251 35.58 -20.90 -18.06
N GLY A 252 36.23 -20.10 -17.22
CA GLY A 252 37.34 -19.22 -17.63
C GLY A 252 36.98 -17.76 -17.46
N GLY A 253 35.84 -17.49 -16.84
CA GLY A 253 35.45 -16.12 -16.56
C GLY A 253 35.93 -15.78 -15.17
N ALA A 254 36.33 -14.53 -14.97
CA ALA A 254 36.63 -14.06 -13.59
C ALA A 254 35.94 -12.75 -13.25
N MET A 255 35.80 -12.49 -11.96
CA MET A 255 35.34 -11.20 -11.45
C MET A 255 36.23 -10.72 -10.33
N VAL A 256 36.50 -9.43 -10.32
CA VAL A 256 37.40 -8.83 -9.34
C VAL A 256 36.79 -7.52 -8.85
N SER A 257 36.68 -7.38 -7.54
CA SER A 257 36.25 -6.12 -6.96
C SER A 257 37.45 -5.21 -6.78
N VAL A 258 37.26 -3.96 -7.16
CA VAL A 258 38.31 -2.97 -7.11
C VAL A 258 37.85 -1.81 -6.26
N ARG A 259 38.73 -1.33 -5.42
CA ARG A 259 38.44 -0.11 -4.68
C ARG A 259 38.96 1.12 -5.42
N ALA A 260 38.14 1.63 -6.32
CA ALA A 260 38.44 2.86 -7.06
C ALA A 260 37.17 3.40 -7.61
N THR A 261 37.24 4.59 -8.19
CA THR A 261 36.08 5.17 -8.84
C THR A 261 35.84 4.51 -10.18
N GLU A 262 34.61 4.63 -10.65
CA GLU A 262 34.23 4.11 -11.96
C GLU A 262 35.09 4.71 -13.07
N ASP A 263 35.42 5.99 -12.97
CA ASP A 263 36.23 6.65 -13.98
C ASP A 263 37.63 6.05 -14.00
N GLU A 264 38.16 5.80 -12.81
CA GLU A 264 39.51 5.28 -12.69
C GLU A 264 39.54 3.92 -13.39
N VAL A 265 38.54 3.08 -13.11
CA VAL A 265 38.53 1.75 -13.68
C VAL A 265 38.31 1.79 -15.18
N ARG A 266 37.40 2.66 -15.61
CA ARG A 266 37.01 2.67 -17.02
C ARG A 266 38.16 3.16 -17.91
N ALA A 267 39.05 3.98 -17.35
CA ALA A 267 40.30 4.32 -18.03
C ALA A 267 41.00 3.09 -18.62
N HIS A 268 40.94 1.97 -17.90
CA HIS A 268 41.75 0.82 -18.28
C HIS A 268 41.10 -0.07 -19.35
N LEU A 269 39.85 0.19 -19.71
CA LEU A 269 39.11 -0.79 -20.51
C LEU A 269 39.30 -0.59 -22.00
N ALA A 270 39.96 0.50 -22.37
CA ALA A 270 40.18 0.84 -23.76
C ALA A 270 40.61 -0.40 -24.55
N GLU A 271 41.72 -1.00 -24.13
CA GLU A 271 42.45 -1.96 -24.97
C GLU A 271 41.86 -3.37 -24.84
N PHE A 272 40.78 -3.51 -24.07
CA PHE A 272 40.21 -4.82 -23.73
C PHE A 272 38.71 -4.89 -24.01
N THR A 273 38.23 -4.08 -24.94
CA THR A 273 36.83 -4.18 -25.35
C THR A 273 36.45 -5.60 -25.73
N GLY A 274 35.25 -6.01 -25.33
CA GLY A 274 34.69 -7.33 -25.65
C GLY A 274 35.28 -8.46 -24.82
N ARG A 275 36.34 -8.19 -24.05
CA ARG A 275 36.92 -9.19 -23.16
C ARG A 275 36.63 -8.91 -21.68
N VAL A 276 36.52 -7.62 -21.34
CA VAL A 276 36.23 -7.21 -19.97
C VAL A 276 35.19 -6.07 -19.92
N ASP A 277 34.41 -6.01 -18.85
CA ASP A 277 33.48 -4.92 -18.66
C ASP A 277 33.37 -4.59 -17.18
N VAL A 278 32.73 -3.48 -16.89
CA VAL A 278 32.29 -3.22 -15.51
C VAL A 278 31.01 -4.00 -15.26
N ALA A 279 31.02 -4.86 -14.25
CA ALA A 279 29.85 -5.67 -13.90
C ALA A 279 28.93 -4.98 -12.90
N ALA A 280 29.49 -4.12 -12.07
CA ALA A 280 28.73 -3.49 -11.00
C ALA A 280 29.46 -2.25 -10.55
N VAL A 281 28.69 -1.23 -10.16
CA VAL A 281 29.24 -0.13 -9.42
C VAL A 281 28.46 -0.05 -8.11
N ASN A 282 29.01 -0.66 -7.07
CA ASN A 282 28.30 -0.90 -5.83
C ASN A 282 28.43 0.22 -4.84
N GLY A 283 29.47 1.02 -5.03
CA GLY A 283 29.73 2.16 -4.14
C GLY A 283 30.58 3.19 -4.89
N PRO A 284 30.74 4.38 -4.30
CA PRO A 284 31.54 5.43 -4.95
C PRO A 284 32.97 4.99 -5.20
N GLU A 285 33.48 4.09 -4.38
CA GLU A 285 34.80 3.51 -4.63
C GLU A 285 34.77 1.99 -4.66
N SER A 286 33.72 1.43 -5.23
CA SER A 286 33.55 0.01 -5.17
C SER A 286 33.01 -0.47 -6.51
N VAL A 287 33.90 -0.92 -7.39
CA VAL A 287 33.47 -1.36 -8.69
C VAL A 287 33.97 -2.75 -9.01
N VAL A 288 33.19 -3.50 -9.78
CA VAL A 288 33.50 -4.89 -10.06
C VAL A 288 33.76 -5.06 -11.54
N LEU A 289 34.91 -5.64 -11.88
CA LEU A 289 35.28 -5.97 -13.25
C LEU A 289 35.01 -7.43 -13.54
N SER A 290 34.64 -7.73 -14.77
CA SER A 290 34.18 -9.07 -15.11
C SER A 290 34.54 -9.39 -16.57
N GLY A 291 35.00 -10.61 -16.81
CA GLY A 291 35.20 -11.09 -18.17
C GLY A 291 36.18 -12.23 -18.25
N GLU A 292 36.83 -12.37 -19.39
CA GLU A 292 37.81 -13.42 -19.53
C GLU A 292 38.95 -13.23 -18.52
N GLU A 293 39.32 -14.34 -17.90
CA GLU A 293 40.20 -14.38 -16.76
C GLU A 293 41.49 -13.62 -17.02
N ALA A 294 42.16 -13.98 -18.10
CA ALA A 294 43.49 -13.44 -18.36
C ALA A 294 43.41 -11.93 -18.49
N ALA A 295 42.44 -11.45 -19.25
CA ALA A 295 42.28 -10.02 -19.38
C ALA A 295 41.98 -9.36 -18.03
N VAL A 296 41.14 -10.00 -17.24
CA VAL A 296 40.71 -9.42 -15.96
C VAL A 296 41.92 -9.29 -15.03
N GLU A 297 42.75 -10.34 -15.00
CA GLU A 297 44.00 -10.36 -14.25
C GLU A 297 44.94 -9.23 -14.67
N GLU A 298 45.05 -9.01 -15.97
CA GLU A 298 45.93 -7.97 -16.46
C GLU A 298 45.46 -6.61 -16.02
N ILE A 299 44.17 -6.34 -16.13
CA ILE A 299 43.65 -5.05 -15.71
C ILE A 299 43.82 -4.86 -14.24
N ALA A 300 43.41 -5.88 -13.48
CA ALA A 300 43.51 -5.85 -12.03
C ALA A 300 44.92 -5.51 -11.61
N GLY A 301 45.90 -6.19 -12.22
CA GLY A 301 47.32 -5.98 -11.92
C GLY A 301 47.80 -4.54 -12.19
N ARG A 302 47.24 -3.90 -13.20
CA ARG A 302 47.62 -2.52 -13.52
C ARG A 302 47.01 -1.59 -12.49
N LEU A 303 45.81 -1.93 -12.02
CA LEU A 303 45.15 -1.07 -11.04
C LEU A 303 45.82 -1.23 -9.70
N ALA A 304 46.31 -2.42 -9.42
CA ALA A 304 47.04 -2.69 -8.17
C ALA A 304 48.42 -2.00 -8.19
N GLU A 305 49.08 -1.97 -9.34
CA GLU A 305 50.31 -1.21 -9.47
C GLU A 305 50.07 0.26 -9.18
N ALA A 306 48.90 0.78 -9.56
CA ALA A 306 48.60 2.19 -9.31
C ALA A 306 48.18 2.50 -7.88
N GLY A 307 48.26 1.51 -6.99
CA GLY A 307 47.94 1.71 -5.57
C GLY A 307 46.53 1.33 -5.15
N ARG A 308 45.79 0.63 -6.00
CA ARG A 308 44.40 0.31 -5.70
C ARG A 308 44.18 -1.15 -5.38
N LYS A 309 43.39 -1.36 -4.35
CA LYS A 309 43.18 -2.67 -3.77
C LYS A 309 42.20 -3.46 -4.60
N THR A 310 42.50 -4.71 -4.84
CA THR A 310 41.63 -5.54 -5.65
C THR A 310 41.47 -6.88 -4.98
N ARG A 311 40.33 -7.48 -5.23
CA ARG A 311 39.95 -8.70 -4.57
C ARG A 311 39.21 -9.57 -5.57
N ARG A 312 39.79 -10.72 -5.87
CA ARG A 312 39.10 -11.65 -6.74
C ARG A 312 37.97 -12.36 -6.03
N LEU A 313 36.83 -12.41 -6.71
CA LEU A 313 35.60 -12.99 -6.20
C LEU A 313 35.53 -14.48 -6.53
N ARG A 314 34.88 -15.23 -5.66
CA ARG A 314 34.70 -16.68 -5.86
C ARG A 314 33.37 -16.96 -6.54
N VAL A 315 33.40 -16.93 -7.85
CA VAL A 315 32.19 -17.10 -8.63
C VAL A 315 32.49 -18.03 -9.77
N SER A 316 31.43 -18.56 -10.34
CA SER A 316 31.52 -19.57 -11.38
C SER A 316 31.77 -18.97 -12.77
N HIS A 317 31.31 -17.75 -12.96
CA HIS A 317 31.20 -17.20 -14.30
C HIS A 317 31.46 -15.73 -14.19
N ALA A 318 31.74 -15.12 -15.33
CA ALA A 318 31.92 -13.68 -15.39
C ALA A 318 30.59 -12.98 -15.61
N PHE A 319 29.85 -12.78 -14.53
CA PHE A 319 28.53 -12.21 -14.68
C PHE A 319 28.64 -10.80 -15.17
N HIS A 320 27.58 -10.35 -15.83
CA HIS A 320 27.47 -8.98 -16.36
C HIS A 320 28.68 -8.58 -17.20
N SER A 321 29.03 -9.45 -18.13
CA SER A 321 30.21 -9.28 -18.95
C SER A 321 29.95 -9.82 -20.36
N PRO A 322 30.94 -9.64 -21.25
CA PRO A 322 30.78 -10.12 -22.63
C PRO A 322 30.74 -11.63 -22.68
N LEU A 323 31.25 -12.27 -21.65
CA LEU A 323 31.10 -13.72 -21.55
C LEU A 323 29.67 -14.21 -21.40
N MET A 324 28.73 -13.29 -21.15
CA MET A 324 27.30 -13.65 -21.07
C MET A 324 26.62 -13.64 -22.47
N GLU A 325 27.29 -13.07 -23.46
CA GLU A 325 26.72 -12.88 -24.80
C GLU A 325 26.12 -14.11 -25.42
N PRO A 326 26.78 -15.25 -25.31
CA PRO A 326 26.33 -16.46 -25.99
C PRO A 326 24.97 -17.03 -25.54
N MET A 327 24.48 -16.64 -24.37
CA MET A 327 23.19 -17.16 -23.89
C MET A 327 22.07 -16.20 -24.19
N LEU A 328 22.40 -15.00 -24.69
CA LEU A 328 21.44 -13.92 -24.67
C LEU A 328 20.33 -14.14 -25.67
N ASP A 329 20.62 -14.88 -26.74
CA ASP A 329 19.66 -15.05 -27.81
C ASP A 329 18.57 -15.98 -27.30
N ALA A 330 18.98 -17.09 -26.67
CA ALA A 330 18.01 -18.02 -26.08
C ALA A 330 17.22 -17.39 -24.95
N PHE A 331 17.85 -16.48 -24.22
CA PHE A 331 17.20 -15.83 -23.06
C PHE A 331 16.10 -14.90 -23.55
N ARG A 332 16.38 -14.18 -24.63
CA ARG A 332 15.38 -13.30 -25.20
C ARG A 332 14.20 -14.13 -25.67
N ARG A 333 14.49 -15.29 -26.23
CA ARG A 333 13.44 -16.14 -26.76
C ARG A 333 12.46 -16.50 -25.66
N VAL A 334 12.97 -16.80 -24.47
CA VAL A 334 12.12 -17.10 -23.34
C VAL A 334 11.38 -15.86 -22.86
N ALA A 335 12.12 -14.78 -22.60
CA ALA A 335 11.49 -13.53 -22.13
C ALA A 335 10.40 -12.98 -23.05
N GLU A 336 10.51 -13.24 -24.34
CA GLU A 336 9.56 -12.68 -25.30
C GLU A 336 8.18 -13.35 -25.18
N GLU A 337 8.15 -14.55 -24.62
CA GLU A 337 6.88 -15.28 -24.45
C GLU A 337 6.06 -14.83 -23.24
N LEU A 338 6.57 -13.89 -22.47
CA LEU A 338 5.97 -13.58 -21.16
C LEU A 338 5.16 -12.30 -21.22
N THR A 339 4.35 -12.07 -20.19
CA THR A 339 3.56 -10.86 -20.11
C THR A 339 4.06 -9.94 -19.01
N TYR A 340 4.20 -8.67 -19.36
CA TYR A 340 4.77 -7.68 -18.46
C TYR A 340 3.77 -6.58 -18.10
N GLN A 341 3.50 -6.43 -16.81
CA GLN A 341 2.58 -5.40 -16.32
C GLN A 341 3.30 -4.19 -15.75
N ALA A 342 2.55 -3.10 -15.63
CA ALA A 342 2.97 -1.93 -14.87
C ALA A 342 3.12 -2.28 -13.40
N PRO A 343 4.21 -1.82 -12.78
CA PRO A 343 4.47 -2.17 -11.38
C PRO A 343 3.49 -1.45 -10.42
N SER A 344 3.02 -2.17 -9.39
CA SER A 344 2.21 -1.60 -8.33
C SER A 344 3.02 -0.69 -7.40
N VAL A 345 4.30 -1.03 -7.25
CA VAL A 345 5.19 -0.25 -6.40
C VAL A 345 6.42 0.09 -7.20
N PRO A 346 6.97 1.28 -6.99
CA PRO A 346 8.00 1.77 -7.90
C PRO A 346 9.24 0.88 -7.79
N VAL A 347 9.86 0.59 -8.92
CA VAL A 347 10.98 -0.30 -8.99
C VAL A 347 12.21 0.47 -9.45
N VAL A 348 13.29 0.39 -8.69
CA VAL A 348 14.56 1.00 -9.09
C VAL A 348 15.34 0.06 -10.02
N SER A 349 15.95 0.61 -11.07
CA SER A 349 16.57 -0.19 -12.15
C SER A 349 18.07 -0.36 -11.90
N ASN A 350 18.60 -1.57 -12.06
CA ASN A 350 20.04 -1.81 -12.11
C ASN A 350 20.70 -1.21 -13.37
N LEU A 351 19.96 -1.20 -14.46
CA LEU A 351 20.50 -0.64 -15.70
C LEU A 351 20.81 0.85 -15.55
N THR A 352 19.86 1.62 -15.02
CA THR A 352 19.91 3.08 -15.10
C THR A 352 20.26 3.69 -13.75
N GLY A 353 19.92 2.99 -12.67
CA GLY A 353 20.06 3.55 -11.31
C GLY A 353 18.95 4.52 -10.99
N GLU A 354 17.88 4.47 -11.76
CA GLU A 354 16.68 5.24 -11.46
C GLU A 354 15.48 4.36 -11.72
N GLN A 355 14.30 4.97 -11.62
CA GLN A 355 13.06 4.23 -11.67
C GLN A 355 12.86 3.61 -13.05
N VAL A 356 12.40 2.36 -13.08
CA VAL A 356 11.85 1.74 -14.29
C VAL A 356 10.34 1.93 -14.25
N THR A 357 9.75 2.30 -15.39
CA THR A 357 8.30 2.25 -15.55
C THR A 357 7.85 1.16 -16.54
N ALA A 358 8.77 0.78 -17.42
CA ALA A 358 8.45 -0.12 -18.52
C ALA A 358 9.34 -1.35 -18.52
N PHE A 359 8.73 -2.53 -18.39
CA PHE A 359 9.49 -3.76 -18.39
C PHE A 359 9.12 -4.56 -19.61
N ASP A 360 10.11 -5.11 -20.30
CA ASP A 360 9.88 -5.96 -21.44
C ASP A 360 11.01 -6.94 -21.57
N ALA A 361 10.87 -7.88 -22.49
CA ALA A 361 11.87 -8.90 -22.69
C ALA A 361 13.23 -8.25 -22.90
N ALA A 362 13.26 -7.15 -23.65
CA ALA A 362 14.51 -6.48 -23.98
C ALA A 362 15.24 -6.01 -22.71
N TYR A 363 14.49 -5.41 -21.79
CA TYR A 363 15.04 -4.94 -20.51
C TYR A 363 15.83 -6.04 -19.81
N TRP A 364 15.27 -7.25 -19.77
CA TRP A 364 15.82 -8.30 -18.91
C TRP A 364 17.07 -8.87 -19.54
N VAL A 365 17.13 -8.79 -20.85
CA VAL A 365 18.28 -9.25 -21.62
C VAL A 365 19.46 -8.32 -21.39
N GLU A 366 19.22 -7.01 -21.53
CA GLU A 366 20.27 -6.03 -21.26
C GLU A 366 20.70 -6.14 -19.82
N HIS A 367 19.71 -6.25 -18.94
CA HIS A 367 19.96 -6.38 -17.52
C HIS A 367 21.05 -7.42 -17.25
N VAL A 368 20.88 -8.63 -17.80
CA VAL A 368 21.87 -9.69 -17.74
C VAL A 368 23.26 -9.24 -18.15
N ARG A 369 23.34 -8.44 -19.22
CA ARG A 369 24.61 -8.07 -19.83
C ARG A 369 25.30 -6.89 -19.17
N ARG A 370 24.55 -5.84 -18.87
CA ARG A 370 25.16 -4.57 -18.51
C ARG A 370 25.47 -4.46 -17.00
N ALA A 371 26.20 -3.42 -16.66
CA ALA A 371 26.59 -3.17 -15.29
C ALA A 371 25.40 -2.95 -14.36
N VAL A 372 25.51 -3.42 -13.14
CA VAL A 372 24.51 -3.19 -12.10
C VAL A 372 24.92 -1.91 -11.45
N ARG A 373 24.08 -0.89 -11.54
CA ARG A 373 24.41 0.42 -11.00
C ARG A 373 23.79 0.58 -9.64
N PHE A 374 24.31 -0.17 -8.68
CA PHE A 374 23.62 -0.32 -7.41
C PHE A 374 23.72 0.96 -6.60
N ALA A 375 24.90 1.55 -6.61
CA ALA A 375 25.16 2.73 -5.82
C ALA A 375 24.27 3.89 -6.32
N ASP A 376 24.16 4.05 -7.63
CA ASP A 376 23.27 5.06 -8.16
C ASP A 376 21.86 4.84 -7.69
N GLY A 377 21.43 3.57 -7.63
CA GLY A 377 20.12 3.21 -7.12
C GLY A 377 19.90 3.69 -5.70
N ILE A 378 20.87 3.46 -4.84
CA ILE A 378 20.79 3.91 -3.48
C ILE A 378 20.69 5.44 -3.44
N GLY A 379 21.55 6.11 -4.18
CA GLY A 379 21.53 7.56 -4.21
C GLY A 379 20.18 8.08 -4.65
N PHE A 380 19.62 7.46 -5.67
CA PHE A 380 18.26 7.78 -6.09
C PHE A 380 17.24 7.66 -4.95
N LEU A 381 17.34 6.61 -4.15
CA LEU A 381 16.34 6.35 -3.11
C LEU A 381 16.41 7.37 -2.01
N ALA A 382 17.63 7.72 -1.61
CA ALA A 382 17.84 8.79 -0.64
C ALA A 382 17.32 10.14 -1.17
N SER A 383 17.44 10.37 -2.47
CA SER A 383 16.92 11.61 -3.08
C SER A 383 15.39 11.68 -2.99
N ARG A 384 14.73 10.53 -2.98
CA ARG A 384 13.28 10.46 -2.82
C ARG A 384 12.83 10.22 -1.36
N GLY A 385 13.72 10.53 -0.42
CA GLY A 385 13.32 10.63 0.98
C GLY A 385 13.28 9.29 1.69
N VAL A 386 13.88 8.26 1.09
CA VAL A 386 13.95 6.96 1.74
C VAL A 386 15.02 7.01 2.81
N THR A 387 14.63 6.70 4.04
CA THR A 387 15.55 6.67 5.17
C THR A 387 15.53 5.27 5.85
N ARG A 388 14.67 4.39 5.39
CA ARG A 388 14.62 3.05 5.95
C ARG A 388 14.88 2.04 4.82
N PHE A 389 15.95 1.26 4.94
CA PHE A 389 16.31 0.25 3.92
C PHE A 389 16.34 -1.15 4.53
N VAL A 390 15.43 -2.02 4.09
CA VAL A 390 15.33 -3.36 4.64
C VAL A 390 15.77 -4.38 3.61
N GLU A 391 16.83 -5.13 3.91
CA GLU A 391 17.33 -6.11 2.97
C GLU A 391 16.65 -7.44 3.15
N LEU A 392 16.03 -7.90 2.08
CA LEU A 392 15.42 -9.21 2.02
C LEU A 392 16.35 -10.16 1.26
N GLY A 393 16.88 -11.12 2.00
CA GLY A 393 17.84 -12.06 1.46
C GLY A 393 18.53 -12.74 2.61
N PRO A 394 19.44 -13.66 2.30
CA PRO A 394 19.99 -14.56 3.32
C PRO A 394 20.96 -13.90 4.29
N ASP A 395 21.43 -12.69 3.98
CA ASP A 395 22.50 -12.05 4.76
C ASP A 395 22.35 -10.54 4.74
N GLY A 396 23.41 -9.83 5.14
CA GLY A 396 23.43 -8.37 5.11
C GLY A 396 24.39 -7.77 4.12
N VAL A 397 24.68 -8.48 3.03
CA VAL A 397 25.67 -7.99 2.07
C VAL A 397 25.22 -6.67 1.42
N LEU A 398 23.98 -6.60 0.98
CA LEU A 398 23.51 -5.40 0.30
C LEU A 398 23.44 -4.23 1.26
N THR A 399 23.12 -4.52 2.51
CA THR A 399 23.03 -3.50 3.53
C THR A 399 24.40 -2.81 3.73
N ALA A 400 25.46 -3.60 3.80
CA ALA A 400 26.80 -3.03 3.90
C ALA A 400 27.21 -2.24 2.64
N MET A 401 26.78 -2.69 1.47
CA MET A 401 27.08 -1.95 0.23
C MET A 401 26.40 -0.58 0.21
N ALA A 402 25.14 -0.57 0.59
CA ALA A 402 24.37 0.64 0.65
C ALA A 402 24.96 1.66 1.62
N GLN A 403 25.53 1.16 2.69
CA GLN A 403 26.18 1.98 3.68
C GLN A 403 27.40 2.68 3.10
N GLU A 404 27.98 2.12 2.05
CA GLU A 404 29.08 2.79 1.40
C GLU A 404 28.59 4.12 0.87
N THR A 405 27.45 4.15 0.21
CA THR A 405 26.80 5.40 -0.15
C THR A 405 26.16 6.26 0.96
N LEU A 406 25.31 5.67 1.80
CA LEU A 406 24.63 6.48 2.82
C LEU A 406 25.41 7.11 3.98
N THR A 407 26.18 6.31 4.71
CA THR A 407 27.04 6.83 5.78
C THR A 407 26.42 7.75 6.83
N ASP A 408 25.15 7.56 7.18
CA ASP A 408 24.49 8.44 8.14
C ASP A 408 23.83 7.62 9.23
N PRO A 409 24.07 8.00 10.50
CA PRO A 409 23.56 7.36 11.70
C PRO A 409 22.05 7.41 11.73
N GLU A 410 21.48 8.51 11.29
CA GLU A 410 20.04 8.63 11.30
C GLU A 410 19.34 7.58 10.44
N THR A 411 19.85 7.33 9.25
CA THR A 411 19.22 6.35 8.37
C THR A 411 19.37 4.93 8.88
N LEU A 412 18.40 4.09 8.58
CA LEU A 412 18.38 2.74 9.07
C LEU A 412 18.54 1.73 7.96
N LEU A 413 19.53 0.87 8.10
CA LEU A 413 19.67 -0.21 7.16
C LEU A 413 19.66 -1.51 7.94
N LEU A 414 18.79 -2.40 7.53
CA LEU A 414 18.50 -3.58 8.31
C LEU A 414 18.49 -4.75 7.36
N PRO A 415 19.28 -5.78 7.64
CA PRO A 415 19.01 -7.10 7.12
C PRO A 415 18.03 -7.83 7.96
N VAL A 416 17.19 -8.62 7.31
CA VAL A 416 16.17 -9.35 8.00
C VAL A 416 16.71 -10.70 8.48
N LEU A 417 17.71 -11.24 7.77
CA LEU A 417 18.44 -12.44 8.24
C LEU A 417 19.93 -12.21 8.42
N ARG A 418 20.54 -12.93 9.35
CA ARG A 418 21.94 -12.73 9.65
C ARG A 418 22.70 -14.03 9.87
N LYS A 419 23.92 -14.12 9.39
CA LYS A 419 24.71 -15.32 9.53
C LYS A 419 25.02 -15.57 10.99
N ASP A 420 25.08 -14.50 11.76
CA ASP A 420 25.41 -14.57 13.17
C ASP A 420 24.43 -15.38 14.04
N ARG A 421 23.15 -15.25 13.76
CA ARG A 421 22.12 -15.87 14.58
C ARG A 421 21.15 -16.75 13.82
N PRO A 422 20.35 -17.52 14.57
CA PRO A 422 19.30 -18.37 14.00
C PRO A 422 18.28 -17.49 13.27
N GLU A 423 17.72 -18.01 12.20
CA GLU A 423 16.83 -17.20 11.38
C GLU A 423 15.59 -16.65 12.07
N PRO A 424 14.90 -17.45 12.89
CA PRO A 424 13.72 -16.91 13.56
C PRO A 424 14.08 -15.75 14.46
N GLU A 425 15.18 -15.85 15.17
CA GLU A 425 15.65 -14.80 16.04
C GLU A 425 16.02 -13.55 15.28
N ALA A 426 16.68 -13.74 14.15
CA ALA A 426 17.23 -12.66 13.35
C ALA A 426 16.11 -11.87 12.75
N PHE A 427 15.12 -12.59 12.22
CA PHE A 427 13.91 -11.97 11.68
C PHE A 427 13.11 -11.15 12.71
N LEU A 428 12.82 -11.77 13.84
CA LEU A 428 12.06 -11.12 14.89
C LEU A 428 12.80 -9.88 15.43
N ASP A 429 14.12 -9.98 15.59
CA ASP A 429 14.90 -8.82 16.01
C ASP A 429 14.93 -7.68 14.96
N ALA A 430 14.81 -8.02 13.69
CA ALA A 430 14.81 -7.00 12.65
C ALA A 430 13.45 -6.27 12.65
N LEU A 431 12.40 -7.00 12.93
CA LEU A 431 11.08 -6.42 13.07
C LEU A 431 11.09 -5.47 14.26
N ALA A 432 11.67 -5.91 15.36
CA ALA A 432 11.67 -5.16 16.61
C ALA A 432 12.39 -3.84 16.42
N GLN A 433 13.55 -3.94 15.78
CA GLN A 433 14.41 -2.81 15.56
C GLN A 433 13.75 -1.80 14.63
N ALA A 434 13.14 -2.31 13.58
CA ALA A 434 12.41 -1.48 12.64
C ALA A 434 11.29 -0.72 13.33
N TRP A 435 10.46 -1.43 14.07
CA TRP A 435 9.33 -0.81 14.76
C TRP A 435 9.80 0.26 15.74
N THR A 436 10.88 -0.05 16.41
CA THR A 436 11.44 0.84 17.38
C THR A 436 11.88 2.19 16.76
N ARG A 437 12.23 2.19 15.48
CA ARG A 437 12.63 3.42 14.80
C ARG A 437 11.50 3.96 13.96
N GLY A 438 10.31 3.40 14.11
CA GLY A 438 9.13 4.04 13.52
C GLY A 438 8.53 3.32 12.33
N VAL A 439 9.15 2.23 11.90
CA VAL A 439 8.54 1.46 10.82
C VAL A 439 7.26 0.85 11.35
N ASP A 440 6.20 0.97 10.56
CA ASP A 440 4.92 0.43 10.96
C ASP A 440 4.95 -1.08 10.82
N VAL A 441 4.87 -1.75 11.96
CA VAL A 441 4.74 -3.19 11.98
C VAL A 441 3.42 -3.54 12.61
N ASP A 442 2.71 -4.51 12.03
CA ASP A 442 1.37 -4.85 12.50
C ASP A 442 1.44 -6.01 13.44
N TRP A 443 1.90 -5.73 14.65
CA TRP A 443 2.13 -6.80 15.62
C TRP A 443 0.90 -7.69 15.81
N ALA A 444 -0.29 -7.12 15.65
CA ALA A 444 -1.54 -7.86 15.89
C ALA A 444 -1.70 -9.07 14.96
N ALA A 445 -1.13 -8.97 13.77
CA ALA A 445 -1.10 -10.08 12.82
C ALA A 445 -0.28 -11.26 13.32
N ARG A 446 0.63 -11.01 14.25
CA ARG A 446 1.41 -12.09 14.82
C ARG A 446 0.74 -12.54 16.11
N TYR A 447 0.33 -11.57 16.91
CA TYR A 447 -0.25 -11.83 18.22
C TYR A 447 -1.71 -11.35 18.18
N GLY A 448 -2.60 -12.25 17.76
CA GLY A 448 -3.98 -11.91 17.46
C GLY A 448 -4.77 -11.55 18.72
N PRO A 449 -5.85 -10.79 18.54
CA PRO A 449 -6.61 -10.33 19.69
C PRO A 449 -7.19 -11.50 20.48
N GLU A 450 -7.46 -12.62 19.82
CA GLU A 450 -8.04 -13.78 20.51
C GLU A 450 -7.14 -14.30 21.65
N GLN A 451 -5.84 -14.05 21.56
CA GLN A 451 -4.93 -14.50 22.63
C GLN A 451 -4.94 -13.60 23.85
N SER A 452 -5.36 -12.35 23.67
CA SER A 452 -5.41 -11.39 24.76
C SER A 452 -6.70 -11.52 25.59
N THR A 453 -7.70 -12.22 25.06
CA THR A 453 -9.00 -12.27 25.70
C THR A 453 -8.83 -12.86 27.09
N GLY A 454 -9.18 -12.06 28.11
CA GLY A 454 -9.13 -12.50 29.48
C GLY A 454 -7.97 -11.87 30.24
N VAL A 455 -6.94 -11.46 29.51
CA VAL A 455 -5.80 -10.85 30.16
C VAL A 455 -6.22 -9.51 30.72
N SER A 456 -5.87 -9.24 31.96
CA SER A 456 -6.20 -7.94 32.52
C SER A 456 -4.88 -7.22 32.68
N LEU A 457 -4.61 -6.31 31.76
CA LEU A 457 -3.39 -5.57 31.77
C LEU A 457 -3.75 -4.30 32.48
N PRO A 458 -2.99 -3.95 33.52
CA PRO A 458 -3.35 -2.76 34.28
C PRO A 458 -3.30 -1.53 33.40
N THR A 459 -4.28 -0.64 33.56
CA THR A 459 -4.37 0.57 32.75
C THR A 459 -3.13 1.42 32.96
N TYR A 460 -2.65 1.47 34.19
CA TYR A 460 -1.43 2.23 34.52
C TYR A 460 -0.17 1.58 33.97
N ALA A 461 -0.32 0.37 33.45
CA ALA A 461 0.69 -0.22 32.59
C ALA A 461 0.99 0.68 31.39
N PHE A 462 0.33 1.84 31.33
CA PHE A 462 0.50 2.80 30.24
C PHE A 462 0.59 4.22 30.81
N ALA B 42 12.26 -23.50 20.94
CA ALA B 42 11.86 -22.53 21.94
C ALA B 42 11.53 -21.23 21.27
N GLY B 43 10.25 -20.94 21.11
CA GLY B 43 9.86 -19.74 20.40
C GLY B 43 10.12 -18.45 21.12
N LEU B 44 10.69 -17.51 20.41
CA LEU B 44 10.83 -16.15 20.85
C LEU B 44 9.50 -15.41 20.79
N VAL B 45 9.26 -14.57 21.79
CA VAL B 45 8.10 -13.70 21.84
C VAL B 45 8.51 -12.25 22.09
N ALA B 46 7.96 -11.32 21.33
CA ALA B 46 8.28 -9.92 21.48
C ALA B 46 7.18 -9.15 22.18
N TRP B 47 7.56 -8.32 23.13
CA TRP B 47 6.57 -7.42 23.76
C TRP B 47 6.90 -5.98 23.38
N PRO B 48 6.05 -5.36 22.58
CA PRO B 48 6.26 -3.97 22.13
C PRO B 48 5.65 -2.91 23.07
N LEU B 49 6.49 -2.01 23.60
CA LEU B 49 6.05 -0.95 24.50
C LEU B 49 6.27 0.41 23.85
N SER B 50 5.36 1.35 24.10
CA SER B 50 5.58 2.73 23.66
C SER B 50 5.05 3.71 24.68
N ALA B 51 5.63 4.91 24.67
CA ALA B 51 5.26 5.92 25.62
C ALA B 51 5.74 7.29 25.18
N ARG B 52 5.25 8.32 25.87
CA ARG B 52 5.65 9.68 25.59
C ARG B 52 6.83 10.03 26.45
N GLY B 53 7.99 10.10 25.81
CA GLY B 53 9.24 10.37 26.52
C GLY B 53 9.84 9.15 27.18
N GLU B 54 11.15 9.24 27.44
CA GLU B 54 11.94 8.12 27.93
C GLU B 54 11.60 7.79 29.38
N ARG B 55 11.47 8.82 30.21
CA ARG B 55 11.17 8.60 31.62
C ARG B 55 9.90 7.70 31.75
N ALA B 56 8.88 8.00 30.96
CA ALA B 56 7.64 7.24 31.05
C ALA B 56 7.79 5.81 30.53
N LEU B 57 8.51 5.65 29.42
CA LEU B 57 8.75 4.33 28.86
C LEU B 57 9.41 3.47 29.91
N ARG B 58 10.43 3.99 30.57
CA ARG B 58 11.12 3.23 31.60
C ARG B 58 10.23 2.88 32.80
N GLY B 59 9.36 3.82 33.18
CA GLY B 59 8.46 3.57 34.30
C GLY B 59 7.43 2.50 33.94
N GLN B 60 6.88 2.59 32.75
CA GLN B 60 5.92 1.60 32.29
C GLN B 60 6.52 0.19 32.25
N ALA B 61 7.80 0.11 31.91
CA ALA B 61 8.49 -1.18 31.86
C ALA B 61 8.58 -1.80 33.22
N GLY B 62 8.97 -0.99 34.19
CA GLY B 62 9.08 -1.49 35.57
C GLY B 62 7.75 -1.91 36.15
N ARG B 63 6.68 -1.24 35.76
CA ARG B 63 5.35 -1.61 36.27
C ARG B 63 4.83 -2.85 35.57
N LEU B 64 5.17 -2.99 34.29
CA LEU B 64 4.73 -4.16 33.56
C LEU B 64 5.41 -5.39 34.13
N ALA B 65 6.68 -5.28 34.50
CA ALA B 65 7.38 -6.41 35.09
C ALA B 65 6.79 -6.79 36.45
N ASP B 66 6.49 -5.76 37.25
CA ASP B 66 5.92 -6.00 38.57
C ASP B 66 4.64 -6.79 38.37
N TRP B 67 3.81 -6.38 37.42
CA TRP B 67 2.54 -7.04 37.16
C TRP B 67 2.74 -8.48 36.67
N ALA B 68 3.79 -8.68 35.88
CA ALA B 68 4.00 -9.94 35.20
C ALA B 68 4.72 -10.96 36.09
N ASP B 69 5.38 -10.49 37.13
CA ASP B 69 6.20 -11.36 37.95
C ASP B 69 5.49 -12.65 38.39
N ALA B 70 4.22 -12.54 38.76
CA ALA B 70 3.48 -13.68 39.27
C ALA B 70 3.07 -14.66 38.16
N GLY B 71 3.35 -14.30 36.92
CA GLY B 71 3.09 -15.24 35.81
C GLY B 71 2.15 -14.67 34.79
N THR B 72 2.36 -14.99 33.53
CA THR B 72 1.45 -14.54 32.51
C THR B 72 1.93 -15.14 31.20
N GLY B 73 1.01 -15.48 30.33
CA GLY B 73 1.37 -16.09 29.07
C GLY B 73 2.13 -15.11 28.21
N LEU B 74 3.20 -15.58 27.61
CA LEU B 74 4.11 -14.73 26.87
C LEU B 74 3.38 -14.13 25.65
N SER B 75 2.70 -14.96 24.89
CA SER B 75 2.12 -14.48 23.63
C SER B 75 0.79 -13.81 23.91
N ALA B 76 0.14 -14.28 24.97
CA ALA B 76 -1.05 -13.60 25.45
C ALA B 76 -0.76 -12.18 25.85
N THR B 77 0.35 -11.97 26.55
CA THR B 77 0.73 -10.63 27.00
C THR B 77 1.17 -9.75 25.84
N ALA B 78 1.80 -10.36 24.83
CA ALA B 78 2.06 -9.65 23.58
C ALA B 78 0.81 -9.10 22.94
N SER B 79 -0.22 -9.93 22.73
CA SER B 79 -1.49 -9.42 22.21
C SER B 79 -2.08 -8.30 23.08
N ALA B 80 -2.11 -8.53 24.38
CA ALA B 80 -2.74 -7.57 25.27
C ALA B 80 -2.02 -6.23 25.10
N LEU B 81 -0.71 -6.30 24.87
CA LEU B 81 0.04 -5.07 24.87
C LEU B 81 -0.32 -4.28 23.63
N VAL B 82 -0.55 -5.00 22.54
CA VAL B 82 -0.85 -4.43 21.25
C VAL B 82 -2.24 -3.79 21.32
N HIS B 83 -3.21 -4.64 21.60
CA HIS B 83 -4.60 -4.24 21.62
C HIS B 83 -5.04 -3.27 22.70
N ARG B 84 -4.59 -3.44 23.93
CA ARG B 84 -4.99 -2.52 24.96
C ARG B 84 -4.46 -1.12 24.76
N ARG B 85 -3.24 -1.02 24.25
CA ARG B 85 -2.63 0.27 23.97
C ARG B 85 -3.46 1.00 22.91
N SER B 86 -3.87 0.27 21.89
CA SER B 86 -4.68 0.81 20.82
C SER B 86 -6.06 1.31 21.31
N ALA B 87 -6.71 0.50 22.15
CA ALA B 87 -8.03 0.78 22.69
C ALA B 87 -8.10 2.03 23.54
N LEU B 88 -7.02 2.29 24.25
CA LEU B 88 -6.90 3.45 25.11
C LEU B 88 -6.92 4.84 24.48
N GLU B 89 -6.35 4.96 23.29
CA GLU B 89 -6.08 6.28 22.66
C GLU B 89 -7.35 7.05 22.36
N HIS B 90 -7.44 8.27 22.88
CA HIS B 90 -8.56 9.17 22.57
C HIS B 90 -8.06 10.29 21.71
N ARG B 91 -8.88 10.70 20.75
CA ARG B 91 -8.48 11.68 19.78
C ARG B 91 -9.50 12.78 19.66
N ALA B 92 -9.05 13.95 19.22
CA ALA B 92 -9.98 15.00 18.83
C ALA B 92 -9.34 15.91 17.81
N VAL B 93 -10.18 16.63 17.08
CA VAL B 93 -9.72 17.63 16.09
C VAL B 93 -10.56 18.87 16.24
N VAL B 94 -9.93 20.01 16.44
CA VAL B 94 -10.68 21.28 16.38
C VAL B 94 -10.30 22.01 15.10
N THR B 95 -11.32 22.43 14.36
CA THR B 95 -11.16 23.03 13.04
C THR B 95 -11.89 24.35 13.04
N ALA B 96 -11.23 25.43 12.62
CA ALA B 96 -11.87 26.73 12.43
C ALA B 96 -11.01 27.62 11.52
N ASP B 97 -11.57 28.75 11.09
CA ASP B 97 -10.84 29.67 10.24
C ASP B 97 -10.31 30.88 10.99
N SER B 98 -10.49 30.86 12.31
CA SER B 98 -9.92 31.90 13.16
C SER B 98 -9.44 31.32 14.48
N LEU B 99 -8.65 32.10 15.21
CA LEU B 99 -8.23 31.75 16.54
C LEU B 99 -9.43 31.68 17.51
N GLU B 100 -10.29 32.69 17.48
CA GLU B 100 -11.49 32.70 18.34
C GLU B 100 -12.23 31.37 18.23
N GLY B 101 -12.47 30.93 17.01
CA GLY B 101 -13.17 29.66 16.80
C GLY B 101 -12.42 28.49 17.40
N GLN B 102 -11.10 28.52 17.28
CA GLN B 102 -10.29 27.40 17.67
C GLN B 102 -10.31 27.32 19.21
N LEU B 103 -10.21 28.50 19.83
CA LEU B 103 -10.20 28.59 21.27
C LEU B 103 -11.51 28.08 21.85
N ALA B 104 -12.63 28.53 21.29
CA ALA B 104 -13.94 28.14 21.82
C ALA B 104 -14.11 26.63 21.72
N ALA B 105 -13.74 26.05 20.59
CA ALA B 105 -13.90 24.63 20.41
C ALA B 105 -13.02 23.89 21.41
N LEU B 106 -11.87 24.46 21.71
CA LEU B 106 -10.96 23.83 22.66
C LEU B 106 -11.55 23.91 24.07
N ARG B 107 -12.11 25.06 24.43
CA ARG B 107 -12.69 25.22 25.77
C ARG B 107 -13.87 24.26 25.96
N ALA B 108 -14.63 24.06 24.89
CA ALA B 108 -15.73 23.09 24.90
C ALA B 108 -15.22 21.67 25.13
N LEU B 109 -14.18 21.30 24.41
CA LEU B 109 -13.59 20.00 24.61
C LEU B 109 -13.11 19.83 26.06
N ALA B 110 -12.53 20.89 26.62
CA ALA B 110 -11.97 20.82 27.98
C ALA B 110 -13.07 20.55 29.00
N ALA B 111 -14.21 21.16 28.77
CA ALA B 111 -15.35 21.05 29.68
C ALA B 111 -16.20 19.79 29.40
N GLY B 112 -15.90 19.07 28.32
CA GLY B 112 -16.70 17.90 27.94
C GLY B 112 -17.99 18.19 27.18
N GLU B 113 -18.07 19.39 26.61
CA GLU B 113 -19.25 19.81 25.87
C GLU B 113 -19.03 19.54 24.38
N GLU B 114 -20.04 19.88 23.59
CA GLU B 114 -19.96 19.79 22.14
C GLU B 114 -19.91 21.17 21.51
N ALA B 115 -19.40 21.25 20.29
CA ALA B 115 -19.21 22.55 19.68
C ALA B 115 -19.03 22.45 18.19
N PRO B 116 -19.40 23.52 17.49
CA PRO B 116 -19.03 23.60 16.08
C PRO B 116 -17.52 23.58 15.94
N GLY B 117 -17.04 22.78 14.99
CA GLY B 117 -15.62 22.67 14.75
C GLY B 117 -14.92 21.60 15.58
N LEU B 118 -15.67 20.85 16.40
CA LEU B 118 -15.09 19.84 17.29
C LEU B 118 -15.53 18.44 16.90
N ARG B 119 -14.57 17.60 16.58
CA ARG B 119 -14.79 16.18 16.42
C ARG B 119 -13.96 15.41 17.41
N GLN B 120 -14.45 14.24 17.79
CA GLN B 120 -13.86 13.57 18.91
C GLN B 120 -14.20 12.08 18.89
N GLY B 121 -13.23 11.23 19.25
CA GLY B 121 -13.52 9.82 19.42
C GLY B 121 -12.41 9.02 20.06
N GLN B 122 -12.44 7.71 19.80
CA GLN B 122 -11.65 6.75 20.55
C GLN B 122 -11.35 5.55 19.64
N LEU B 123 -10.11 5.10 19.59
CA LEU B 123 -9.77 4.00 18.68
C LEU B 123 -10.34 2.71 19.21
N PRO B 124 -10.63 1.77 18.31
CA PRO B 124 -11.00 0.44 18.77
C PRO B 124 -9.73 -0.36 19.06
N ALA B 125 -9.90 -1.51 19.70
CA ALA B 125 -8.80 -2.39 20.02
C ALA B 125 -8.19 -2.98 18.73
N THR B 126 -9.06 -3.40 17.82
CA THR B 126 -8.65 -3.96 16.55
C THR B 126 -9.01 -2.93 15.50
N GLN B 127 -7.98 -2.44 14.81
CA GLN B 127 -8.15 -1.52 13.72
C GLN B 127 -8.72 -2.29 12.53
N GLY B 128 -9.95 -1.99 12.17
CA GLY B 128 -10.59 -2.70 11.09
C GLY B 128 -10.13 -2.17 9.75
N ARG B 129 -10.49 -2.89 8.69
CA ARG B 129 -10.04 -2.56 7.36
C ARG B 129 -10.94 -1.49 6.74
N LEU B 130 -10.45 -0.93 5.65
CA LEU B 130 -11.02 0.30 5.15
C LEU B 130 -11.33 0.08 3.67
N ALA B 131 -12.54 0.45 3.25
CA ALA B 131 -12.90 0.37 1.84
C ALA B 131 -13.39 1.70 1.26
N PHE B 132 -13.03 1.95 0.00
CA PHE B 132 -13.58 3.11 -0.72
C PHE B 132 -14.78 2.68 -1.54
N LEU B 133 -15.85 3.46 -1.42
CA LEU B 133 -17.07 3.27 -2.21
C LEU B 133 -17.25 4.41 -3.24
N PHE B 134 -17.25 4.04 -4.53
CA PHE B 134 -17.24 5.03 -5.58
C PHE B 134 -18.65 5.19 -6.14
N SER B 135 -19.16 6.42 -6.12
CA SER B 135 -20.52 6.71 -6.53
C SER B 135 -20.88 6.42 -7.99
N GLY B 136 -22.11 5.95 -8.17
CA GLY B 136 -22.70 5.68 -9.46
C GLY B 136 -23.48 6.90 -9.93
N GLN B 137 -23.98 6.91 -11.17
CA GLN B 137 -24.73 8.09 -11.59
C GLN B 137 -25.97 8.24 -10.71
N GLY B 138 -26.18 9.45 -10.25
CA GLY B 138 -27.25 9.75 -9.33
C GLY B 138 -27.14 11.21 -9.00
N ALA B 139 -26.60 11.49 -7.83
CA ALA B 139 -26.53 12.86 -7.37
C ALA B 139 -25.34 13.66 -7.87
N GLN B 140 -25.16 13.78 -9.18
CA GLN B 140 -24.11 14.63 -9.70
C GLN B 140 -24.70 16.03 -9.66
N ARG B 141 -23.91 17.03 -9.32
CA ARG B 141 -24.42 18.39 -9.22
C ARG B 141 -23.60 19.34 -10.05
N ALA B 142 -24.26 20.32 -10.65
CA ALA B 142 -23.56 21.28 -11.48
C ALA B 142 -22.56 22.04 -10.63
N GLY B 143 -21.37 22.23 -11.19
CA GLY B 143 -20.28 22.90 -10.48
C GLY B 143 -19.52 22.04 -9.47
N MET B 144 -19.79 20.73 -9.48
CA MET B 144 -19.10 19.82 -8.59
C MET B 144 -17.60 19.78 -8.87
N GLY B 145 -16.79 19.84 -7.81
CA GLY B 145 -15.35 19.81 -7.95
C GLY B 145 -14.67 21.16 -7.98
N ARG B 146 -15.43 22.21 -8.29
CA ARG B 146 -14.80 23.48 -8.62
C ARG B 146 -14.16 24.07 -7.38
N GLU B 147 -14.89 24.09 -6.27
CA GLU B 147 -14.34 24.58 -5.00
C GLU B 147 -13.12 23.77 -4.60
N LEU B 148 -13.20 22.46 -4.72
CA LEU B 148 -12.09 21.61 -4.29
C LEU B 148 -10.90 21.85 -5.19
N TYR B 149 -11.17 22.13 -6.46
CA TYR B 149 -10.14 22.34 -7.45
C TYR B 149 -9.28 23.54 -7.05
N ALA B 150 -9.96 24.59 -6.60
CA ALA B 150 -9.29 25.84 -6.30
C ALA B 150 -8.48 25.75 -5.00
N ALA B 151 -8.85 24.82 -4.13
CA ALA B 151 -8.26 24.77 -2.79
C ALA B 151 -7.25 23.62 -2.59
N GLU B 152 -7.33 22.58 -3.43
CA GLU B 152 -6.53 21.37 -3.22
C GLU B 152 -5.73 21.02 -4.48
N PRO B 153 -4.42 21.34 -4.48
CA PRO B 153 -3.63 21.20 -5.72
C PRO B 153 -3.47 19.77 -6.22
N VAL B 154 -3.47 18.80 -5.32
CA VAL B 154 -3.34 17.40 -5.71
C VAL B 154 -4.60 16.93 -6.44
N PHE B 155 -5.74 17.41 -5.97
CA PHE B 155 -7.02 17.12 -6.60
C PHE B 155 -7.09 17.79 -7.96
N ALA B 156 -6.66 19.04 -8.03
CA ALA B 156 -6.58 19.76 -9.31
C ALA B 156 -5.73 19.02 -10.35
N ALA B 157 -4.52 18.62 -9.97
CA ALA B 157 -3.59 18.07 -10.93
C ALA B 157 -4.11 16.74 -11.47
N ALA B 158 -4.66 15.91 -10.59
CA ALA B 158 -5.22 14.62 -11.05
C ALA B 158 -6.48 14.82 -11.89
N PHE B 159 -7.33 15.76 -11.49
CA PHE B 159 -8.53 16.10 -12.27
C PHE B 159 -8.13 16.59 -13.69
N ASP B 160 -7.21 17.53 -13.76
CA ASP B 160 -6.76 18.03 -15.04
C ASP B 160 -6.28 16.87 -15.88
N GLU B 161 -5.42 16.05 -15.30
CA GLU B 161 -4.84 14.94 -16.01
C GLU B 161 -5.93 14.02 -16.58
N VAL B 162 -6.95 13.73 -15.79
CA VAL B 162 -7.97 12.79 -16.25
C VAL B 162 -8.81 13.42 -17.37
N CYS B 163 -9.19 14.67 -17.20
CA CYS B 163 -9.98 15.38 -18.21
C CYS B 163 -9.24 15.55 -19.52
N ALA B 164 -7.95 15.86 -19.43
CA ALA B 164 -7.11 15.97 -20.62
C ALA B 164 -7.07 14.66 -21.36
N ALA B 165 -7.13 13.55 -20.63
CA ALA B 165 -7.09 12.22 -21.23
C ALA B 165 -8.36 11.91 -22.03
N PHE B 166 -9.51 12.40 -21.56
CA PHE B 166 -10.70 12.37 -22.38
C PHE B 166 -10.57 13.38 -23.53
N GLY B 167 -9.93 14.51 -23.25
CA GLY B 167 -9.84 15.58 -24.22
C GLY B 167 -11.17 16.31 -24.33
N GLU B 168 -11.32 17.07 -25.41
CA GLU B 168 -12.62 17.57 -25.85
C GLU B 168 -13.21 18.52 -24.82
N ASP B 169 -12.34 19.24 -24.11
CA ASP B 169 -12.79 20.30 -23.20
C ASP B 169 -13.74 19.78 -22.12
N LEU B 170 -13.47 18.60 -21.60
CA LEU B 170 -14.31 18.06 -20.54
C LEU B 170 -14.12 18.88 -19.27
N ARG B 171 -12.88 19.32 -19.02
CA ARG B 171 -12.56 20.06 -17.80
C ARG B 171 -13.36 21.35 -17.73
N GLU B 172 -13.36 22.11 -18.83
CA GLU B 172 -14.19 23.31 -18.92
C GLU B 172 -15.68 22.95 -18.87
N ARG B 173 -16.06 21.84 -19.49
CA ARG B 173 -17.47 21.42 -19.51
C ARG B 173 -18.02 21.20 -18.11
N ILE B 174 -17.31 20.44 -17.27
CA ILE B 174 -17.87 20.00 -15.99
C ILE B 174 -18.13 21.14 -15.01
N PHE B 175 -17.20 22.08 -14.91
CA PHE B 175 -17.40 23.24 -14.02
C PHE B 175 -18.48 24.17 -14.59
N THR B 176 -18.34 24.46 -15.89
CA THR B 176 -19.21 25.37 -16.64
C THR B 176 -20.64 24.91 -16.75
N ALA B 177 -20.86 23.60 -16.83
CA ALA B 177 -22.11 23.01 -17.31
C ALA B 177 -23.39 23.22 -16.50
N ARG B 178 -24.51 23.32 -17.21
CA ARG B 178 -25.83 23.32 -16.61
C ARG B 178 -26.13 21.92 -16.13
N GLN B 179 -27.10 21.80 -15.25
CA GLN B 179 -27.42 20.50 -14.68
C GLN B 179 -27.87 19.50 -15.74
N GLU B 180 -28.67 19.94 -16.70
CA GLU B 180 -29.12 19.05 -17.77
C GLU B 180 -27.98 18.56 -18.64
N GLU B 181 -27.00 19.43 -18.87
CA GLU B 181 -25.84 19.04 -19.66
C GLU B 181 -25.20 17.91 -18.91
N LEU B 182 -25.16 18.05 -17.60
CA LEU B 182 -24.48 17.10 -16.74
C LEU B 182 -25.16 15.78 -16.81
N ASP B 183 -26.48 15.83 -16.87
CA ASP B 183 -27.33 14.66 -16.83
C ASP B 183 -27.29 13.80 -18.08
N ARG B 184 -26.72 14.30 -19.17
CA ARG B 184 -26.57 13.47 -20.34
C ARG B 184 -25.39 12.54 -20.08
N THR B 185 -25.67 11.25 -20.14
CA THR B 185 -24.76 10.23 -19.66
C THR B 185 -23.45 10.20 -20.42
N GLY B 186 -23.49 10.68 -21.64
CA GLY B 186 -22.27 10.85 -22.40
C GLY B 186 -21.36 11.81 -21.65
N THR B 187 -21.96 12.83 -21.04
CA THR B 187 -21.25 13.68 -20.11
C THR B 187 -21.07 13.16 -18.67
N THR B 188 -22.15 12.63 -18.11
CA THR B 188 -22.23 12.18 -16.70
C THR B 188 -21.12 11.20 -16.32
N GLN B 189 -20.85 10.23 -17.17
CA GLN B 189 -19.98 9.14 -16.80
C GLN B 189 -18.52 9.55 -16.80
N PRO B 190 -18.07 10.28 -17.84
CA PRO B 190 -16.72 10.82 -17.75
C PRO B 190 -16.56 11.76 -16.54
N ALA B 191 -17.56 12.57 -16.25
CA ALA B 191 -17.45 13.55 -15.18
C ALA B 191 -17.29 12.85 -13.82
N LEU B 192 -18.17 11.90 -13.56
CA LEU B 192 -18.14 11.16 -12.32
C LEU B 192 -16.82 10.42 -12.18
N PHE B 193 -16.37 9.83 -13.28
CA PHE B 193 -15.11 9.11 -13.26
C PHE B 193 -13.97 10.07 -12.94
N ALA B 194 -14.04 11.28 -13.48
CA ALA B 194 -12.95 12.22 -13.32
C ALA B 194 -12.90 12.69 -11.87
N ILE B 195 -14.07 13.04 -11.33
CA ILE B 195 -14.17 13.48 -9.97
C ILE B 195 -13.73 12.40 -9.00
N GLU B 196 -14.17 11.17 -9.24
CA GLU B 196 -13.91 10.11 -8.28
C GLU B 196 -12.43 9.72 -8.28
N VAL B 197 -11.80 9.73 -9.44
CA VAL B 197 -10.37 9.42 -9.52
C VAL B 197 -9.50 10.55 -8.93
N ALA B 198 -9.91 11.80 -9.16
CA ALA B 198 -9.25 12.93 -8.52
C ALA B 198 -9.37 12.85 -6.99
N LEU B 199 -10.56 12.57 -6.48
CA LEU B 199 -10.74 12.46 -5.03
C LEU B 199 -9.86 11.37 -4.46
N PHE B 200 -9.69 10.28 -5.20
CA PHE B 200 -8.91 9.15 -4.74
C PHE B 200 -7.46 9.57 -4.55
N ARG B 201 -6.95 10.39 -5.48
CA ARG B 201 -5.55 10.80 -5.43
C ARG B 201 -5.33 11.79 -4.31
N LEU B 202 -6.29 12.68 -4.11
CA LEU B 202 -6.28 13.56 -2.96
C LEU B 202 -6.27 12.74 -1.62
N VAL B 203 -7.12 11.74 -1.52
CA VAL B 203 -7.25 11.02 -0.25
C VAL B 203 -5.95 10.22 -0.06
N GLU B 204 -5.45 9.66 -1.16
CA GLU B 204 -4.19 8.95 -1.18
C GLU B 204 -3.04 9.87 -0.79
N SER B 205 -3.05 11.12 -1.25
CA SER B 205 -1.96 12.04 -0.88
C SER B 205 -1.97 12.35 0.61
N LEU B 206 -3.12 12.19 1.25
CA LEU B 206 -3.17 12.39 2.69
C LEU B 206 -3.03 11.08 3.45
N GLY B 207 -2.54 10.05 2.77
CA GLY B 207 -2.11 8.83 3.44
C GLY B 207 -3.23 7.83 3.72
N VAL B 208 -4.40 8.07 3.18
CA VAL B 208 -5.51 7.18 3.42
C VAL B 208 -5.57 6.15 2.30
N ARG B 209 -5.31 4.89 2.65
CA ARG B 209 -5.14 3.81 1.67
C ARG B 209 -6.10 2.67 1.97
N PRO B 210 -6.83 2.22 0.94
CA PRO B 210 -7.88 1.27 1.16
C PRO B 210 -7.37 -0.16 1.04
N ASP B 211 -8.01 -1.06 1.74
CA ASP B 211 -7.74 -2.49 1.61
C ASP B 211 -8.66 -3.10 0.55
N PHE B 212 -9.78 -2.44 0.29
CA PHE B 212 -10.67 -2.81 -0.80
C PHE B 212 -11.23 -1.58 -1.50
N VAL B 213 -11.57 -1.73 -2.76
CA VAL B 213 -12.43 -0.76 -3.44
C VAL B 213 -13.68 -1.39 -4.04
N ALA B 214 -14.74 -0.60 -4.04
CA ALA B 214 -16.01 -0.98 -4.62
C ALA B 214 -16.65 0.24 -5.27
N GLY B 215 -17.54 -0.01 -6.22
CA GLY B 215 -18.21 1.05 -6.94
C GLY B 215 -19.63 0.70 -7.29
N HIS B 216 -20.45 1.70 -7.56
CA HIS B 216 -21.79 1.43 -8.03
C HIS B 216 -21.81 1.78 -9.48
N SER B 217 -22.10 0.79 -10.32
CA SER B 217 -22.24 1.07 -11.73
C SER B 217 -20.95 1.67 -12.27
N ILE B 218 -20.99 2.91 -12.74
CA ILE B 218 -19.82 3.55 -13.30
C ILE B 218 -18.73 3.66 -12.26
N GLY B 219 -19.12 3.66 -11.00
CA GLY B 219 -18.17 3.77 -9.91
C GLY B 219 -17.17 2.64 -9.98
N GLU B 220 -17.62 1.48 -10.38
CA GLU B 220 -16.74 0.33 -10.50
C GLU B 220 -15.60 0.55 -11.50
N LEU B 221 -15.86 1.29 -12.56
CA LEU B 221 -14.80 1.64 -13.51
C LEU B 221 -13.70 2.49 -12.86
N ALA B 222 -14.10 3.45 -12.04
CA ALA B 222 -13.14 4.27 -11.31
C ALA B 222 -12.35 3.42 -10.34
N ALA B 223 -13.04 2.53 -9.64
CA ALA B 223 -12.38 1.62 -8.72
C ALA B 223 -11.39 0.70 -9.45
N ALA B 224 -11.77 0.23 -10.63
CA ALA B 224 -10.89 -0.66 -11.38
C ALA B 224 -9.62 0.07 -11.83
N HIS B 225 -9.79 1.29 -12.33
CA HIS B 225 -8.66 2.05 -12.85
C HIS B 225 -7.67 2.30 -11.71
N VAL B 226 -8.24 2.64 -10.57
CA VAL B 226 -7.48 3.06 -9.41
C VAL B 226 -6.75 1.87 -8.79
N ALA B 227 -7.32 0.67 -8.90
CA ALA B 227 -6.64 -0.57 -8.49
C ALA B 227 -5.67 -1.07 -9.56
N GLY B 228 -5.52 -0.32 -10.65
CA GLY B 228 -4.47 -0.57 -11.62
C GLY B 228 -4.87 -1.51 -12.73
N VAL B 229 -6.15 -1.81 -12.83
CA VAL B 229 -6.63 -2.74 -13.84
C VAL B 229 -6.54 -2.14 -15.26
N LEU B 230 -6.81 -0.84 -15.39
CA LEU B 230 -6.73 -0.17 -16.68
C LEU B 230 -5.75 0.97 -16.62
N SER B 231 -4.99 1.14 -17.68
CA SER B 231 -4.24 2.37 -17.87
C SER B 231 -5.28 3.47 -17.94
N LEU B 232 -4.85 4.71 -17.73
CA LEU B 232 -5.75 5.85 -17.85
C LEU B 232 -6.28 6.01 -19.26
N PRO B 233 -5.42 5.82 -20.27
CA PRO B 233 -5.93 5.99 -21.64
C PRO B 233 -6.93 4.91 -22.01
N ASP B 234 -6.70 3.68 -21.54
CA ASP B 234 -7.66 2.59 -21.72
C ASP B 234 -8.94 2.87 -20.95
N ALA B 235 -8.80 3.34 -19.71
CA ALA B 235 -9.96 3.65 -18.87
C ALA B 235 -10.89 4.73 -19.44
N CYS B 236 -10.34 5.86 -19.88
CA CYS B 236 -11.18 6.92 -20.46
C CYS B 236 -11.83 6.44 -21.75
N ARG B 237 -11.11 5.64 -22.53
CA ARG B 237 -11.66 5.12 -23.78
C ARG B 237 -12.87 4.25 -23.47
N LEU B 238 -12.74 3.41 -22.44
CA LEU B 238 -13.84 2.55 -22.01
C LEU B 238 -15.02 3.35 -21.46
N VAL B 239 -14.74 4.34 -20.63
CA VAL B 239 -15.84 5.11 -20.05
C VAL B 239 -16.46 6.09 -21.06
N ALA B 240 -15.63 6.68 -21.92
CA ALA B 240 -16.13 7.54 -22.99
C ALA B 240 -17.13 6.77 -23.83
N ALA B 241 -16.77 5.55 -24.24
CA ALA B 241 -17.65 4.75 -25.08
C ALA B 241 -18.89 4.30 -24.32
N ARG B 242 -18.70 3.86 -23.09
CA ARG B 242 -19.83 3.42 -22.26
C ARG B 242 -20.90 4.51 -22.16
N GLY B 243 -20.48 5.75 -21.95
CA GLY B 243 -21.40 6.88 -21.81
C GLY B 243 -22.06 7.25 -23.13
N GLN B 244 -21.25 7.40 -24.17
CA GLN B 244 -21.74 7.84 -25.49
C GLN B 244 -22.67 6.80 -26.07
N LEU B 245 -22.28 5.54 -26.01
CA LEU B 245 -23.09 4.49 -26.58
C LEU B 245 -24.47 4.45 -25.91
N MET B 246 -24.54 4.64 -24.58
CA MET B 246 -25.88 4.58 -23.98
C MET B 246 -26.67 5.86 -24.04
N GLU B 247 -26.02 6.99 -24.32
CA GLU B 247 -26.74 8.22 -24.58
C GLU B 247 -27.54 8.06 -25.88
N ALA B 248 -26.93 7.36 -26.85
CA ALA B 248 -27.52 7.22 -28.18
C ALA B 248 -28.69 6.24 -28.22
N LEU B 249 -28.84 5.41 -27.19
CA LEU B 249 -30.04 4.61 -27.07
C LEU B 249 -31.25 5.53 -27.05
N PRO B 250 -32.43 5.01 -27.49
CA PRO B 250 -33.62 5.83 -27.58
C PRO B 250 -34.35 6.05 -26.26
N GLU B 251 -35.29 6.98 -26.26
CA GLU B 251 -36.19 7.19 -25.13
C GLU B 251 -37.00 5.94 -24.88
N GLY B 252 -37.71 5.93 -23.76
CA GLY B 252 -38.73 4.93 -23.48
C GLY B 252 -38.40 4.02 -22.31
N GLY B 253 -37.24 4.25 -21.70
CA GLY B 253 -36.84 3.46 -20.52
C GLY B 253 -37.20 4.17 -19.22
N ALA B 254 -37.60 3.39 -18.22
CA ALA B 254 -37.80 3.91 -16.86
C ALA B 254 -37.11 3.05 -15.82
N MET B 255 -36.91 3.64 -14.65
CA MET B 255 -36.42 2.91 -13.49
C MET B 255 -37.25 3.26 -12.25
N VAL B 256 -37.48 2.27 -11.40
CA VAL B 256 -38.22 2.49 -10.18
C VAL B 256 -37.56 1.73 -9.04
N SER B 257 -37.35 2.40 -7.91
CA SER B 257 -36.86 1.74 -6.69
C SER B 257 -37.99 1.32 -5.77
N VAL B 258 -37.80 0.20 -5.08
CA VAL B 258 -38.87 -0.49 -4.38
C VAL B 258 -38.42 -0.87 -2.95
N ARG B 259 -39.33 -0.74 -1.98
CA ARG B 259 -39.05 -1.05 -0.57
C ARG B 259 -39.31 -2.53 -0.18
N ALA B 260 -38.63 -3.49 -0.82
CA ALA B 260 -38.98 -4.92 -0.63
C ALA B 260 -37.87 -5.88 -1.07
N THR B 261 -37.93 -7.12 -0.58
CA THR B 261 -36.83 -8.08 -0.77
C THR B 261 -36.61 -8.38 -2.25
N GLU B 262 -35.41 -8.85 -2.59
CA GLU B 262 -35.10 -9.32 -3.95
C GLU B 262 -35.99 -10.50 -4.36
N ASP B 263 -36.25 -11.40 -3.42
CA ASP B 263 -37.08 -12.57 -3.71
C ASP B 263 -38.51 -12.15 -4.10
N GLU B 264 -39.05 -11.18 -3.38
CA GLU B 264 -40.42 -10.71 -3.61
C GLU B 264 -40.59 -10.06 -4.97
N VAL B 265 -39.51 -9.44 -5.48
CA VAL B 265 -39.56 -8.73 -6.76
C VAL B 265 -39.42 -9.66 -7.96
N ARG B 266 -38.59 -10.69 -7.83
CA ARG B 266 -38.39 -11.66 -8.92
C ARG B 266 -39.61 -12.57 -9.15
N ALA B 267 -40.43 -12.75 -8.12
CA ALA B 267 -41.74 -13.38 -8.24
C ALA B 267 -42.62 -12.61 -9.23
N HIS B 268 -42.91 -11.34 -8.90
CA HIS B 268 -43.77 -10.48 -9.72
C HIS B 268 -43.15 -10.13 -11.09
N LEU B 269 -41.94 -10.63 -11.34
CA LEU B 269 -41.43 -10.81 -12.71
C LEU B 269 -41.86 -12.17 -13.26
N THR B 273 -41.44 -10.40 -17.91
CA THR B 273 -40.93 -11.32 -18.91
C THR B 273 -39.48 -10.98 -19.29
N GLY B 274 -39.23 -10.59 -20.54
CA GLY B 274 -37.92 -10.06 -20.96
C GLY B 274 -37.93 -8.56 -21.23
N ARG B 275 -38.82 -7.85 -20.55
CA ARG B 275 -39.06 -6.42 -20.79
C ARG B 275 -38.49 -5.60 -19.64
N VAL B 276 -38.51 -6.20 -18.45
CA VAL B 276 -38.08 -5.52 -17.23
C VAL B 276 -37.11 -6.45 -16.49
N ASP B 277 -36.08 -5.88 -15.87
CA ASP B 277 -35.11 -6.67 -15.12
C ASP B 277 -34.86 -6.01 -13.77
N VAL B 278 -34.14 -6.70 -12.89
CA VAL B 278 -33.56 -6.07 -11.71
C VAL B 278 -32.23 -5.36 -12.07
N ALA B 279 -32.18 -4.06 -11.80
CA ALA B 279 -31.02 -3.25 -12.13
C ALA B 279 -30.01 -3.22 -10.98
N ALA B 280 -30.52 -3.35 -9.75
CA ALA B 280 -29.69 -3.18 -8.57
C ALA B 280 -30.39 -3.81 -7.38
N VAL B 281 -29.57 -4.26 -6.43
CA VAL B 281 -30.05 -4.80 -5.17
C VAL B 281 -29.22 -4.04 -4.13
N ASN B 282 -29.58 -2.79 -3.92
CA ASN B 282 -28.90 -1.89 -2.99
C ASN B 282 -28.95 -2.27 -1.53
N GLY B 283 -30.11 -2.72 -1.08
CA GLY B 283 -30.30 -3.07 0.31
C GLY B 283 -31.09 -4.33 0.41
N PRO B 284 -31.16 -4.92 1.61
CA PRO B 284 -31.98 -6.13 1.68
C PRO B 284 -33.43 -5.79 1.32
N GLU B 285 -33.95 -4.72 1.89
CA GLU B 285 -35.27 -4.20 1.57
C GLU B 285 -35.42 -3.52 0.20
N SER B 286 -34.41 -2.75 -0.20
CA SER B 286 -34.46 -1.95 -1.43
C SER B 286 -33.83 -2.53 -2.70
N VAL B 287 -34.62 -2.50 -3.77
CA VAL B 287 -34.19 -2.97 -5.08
C VAL B 287 -34.68 -2.05 -6.18
N VAL B 288 -34.06 -2.11 -7.35
CA VAL B 288 -34.43 -1.23 -8.45
C VAL B 288 -34.79 -2.07 -9.68
N LEU B 289 -35.94 -1.77 -10.29
CA LEU B 289 -36.28 -2.37 -11.57
C LEU B 289 -36.11 -1.37 -12.71
N SER B 290 -35.88 -1.93 -13.89
CA SER B 290 -35.48 -1.12 -15.01
C SER B 290 -35.94 -1.78 -16.31
N GLY B 291 -36.38 -0.96 -17.24
CA GLY B 291 -36.78 -1.47 -18.54
C GLY B 291 -37.82 -0.59 -19.20
N GLU B 292 -38.62 -1.19 -20.07
CA GLU B 292 -39.65 -0.48 -20.83
C GLU B 292 -40.60 0.26 -19.88
N GLU B 293 -40.82 1.53 -20.16
CA GLU B 293 -41.62 2.40 -19.28
C GLU B 293 -42.96 1.77 -18.92
N ALA B 294 -43.70 1.35 -19.93
CA ALA B 294 -45.04 0.83 -19.71
C ALA B 294 -45.00 -0.41 -18.83
N ALA B 295 -44.16 -1.38 -19.18
CA ALA B 295 -43.99 -2.59 -18.36
C ALA B 295 -43.58 -2.25 -16.93
N VAL B 296 -42.64 -1.33 -16.78
CA VAL B 296 -42.14 -0.92 -15.45
C VAL B 296 -43.29 -0.33 -14.61
N GLU B 297 -44.02 0.60 -15.20
CA GLU B 297 -45.20 1.17 -14.56
C GLU B 297 -46.12 0.06 -14.08
N GLU B 298 -46.31 -0.97 -14.91
CA GLU B 298 -47.21 -2.09 -14.57
C GLU B 298 -46.75 -2.86 -13.34
N ILE B 299 -45.47 -3.25 -13.33
CA ILE B 299 -44.92 -3.99 -12.19
C ILE B 299 -44.89 -3.12 -10.93
N ALA B 300 -44.75 -1.80 -11.11
CA ALA B 300 -44.72 -0.86 -9.98
C ALA B 300 -46.07 -0.68 -9.30
N GLY B 301 -47.10 -0.36 -10.08
CA GLY B 301 -48.47 -0.31 -9.54
C GLY B 301 -48.82 -1.57 -8.78
N ARG B 302 -48.37 -2.72 -9.29
CA ARG B 302 -48.74 -4.02 -8.73
C ARG B 302 -48.07 -4.29 -7.38
N LEU B 303 -46.84 -3.80 -7.21
CA LEU B 303 -46.15 -3.88 -5.92
C LEU B 303 -46.65 -2.82 -4.94
N ALA B 304 -47.09 -1.68 -5.46
CA ALA B 304 -47.67 -0.61 -4.65
C ALA B 304 -49.03 -1.02 -4.09
N GLU B 305 -49.75 -1.82 -4.86
CA GLU B 305 -51.01 -2.40 -4.42
C GLU B 305 -50.85 -3.28 -3.18
N ALA B 306 -49.66 -3.85 -3.01
CA ALA B 306 -49.37 -4.73 -1.87
C ALA B 306 -48.81 -3.98 -0.65
N GLY B 307 -48.91 -2.66 -0.67
CA GLY B 307 -48.65 -1.86 0.53
C GLY B 307 -47.18 -1.54 0.74
N ARG B 308 -46.38 -1.71 -0.31
CA ARG B 308 -44.95 -1.41 -0.24
C ARG B 308 -44.61 -0.21 -1.13
N LYS B 309 -43.70 0.65 -0.65
CA LYS B 309 -43.45 1.91 -1.34
C LYS B 309 -42.59 1.71 -2.60
N THR B 310 -42.82 2.58 -3.58
CA THR B 310 -41.98 2.64 -4.77
C THR B 310 -41.65 4.08 -5.12
N ARG B 311 -40.56 4.26 -5.85
CA ARG B 311 -40.02 5.59 -6.11
C ARG B 311 -39.46 5.63 -7.53
N ARG B 312 -40.13 6.39 -8.39
CA ARG B 312 -39.69 6.58 -9.77
C ARG B 312 -38.43 7.42 -9.79
N LEU B 313 -37.40 6.92 -10.45
CA LEU B 313 -36.11 7.61 -10.54
C LEU B 313 -36.11 8.54 -11.74
N ARG B 314 -35.39 9.66 -11.64
CA ARG B 314 -35.32 10.64 -12.73
C ARG B 314 -34.12 10.36 -13.64
N VAL B 315 -34.25 9.35 -14.51
CA VAL B 315 -33.10 8.86 -15.25
C VAL B 315 -33.37 8.99 -16.74
N SER B 316 -32.28 9.01 -17.51
CA SER B 316 -32.34 9.19 -18.96
C SER B 316 -32.78 7.90 -19.66
N HIS B 317 -32.37 6.77 -19.08
CA HIS B 317 -32.41 5.47 -19.75
C HIS B 317 -32.59 4.37 -18.71
N ALA B 318 -33.00 3.19 -19.16
CA ALA B 318 -33.23 2.06 -18.26
C ALA B 318 -31.94 1.27 -18.05
N PHE B 319 -31.10 1.71 -17.12
CA PHE B 319 -29.78 1.12 -16.96
C PHE B 319 -29.89 -0.28 -16.42
N HIS B 320 -28.94 -1.12 -16.82
CA HIS B 320 -28.89 -2.50 -16.36
C HIS B 320 -30.19 -3.23 -16.61
N SER B 321 -30.64 -3.15 -17.85
CA SER B 321 -31.90 -3.74 -18.29
C SER B 321 -31.75 -4.28 -19.72
N PRO B 322 -32.81 -4.94 -20.23
CA PRO B 322 -32.79 -5.40 -21.62
C PRO B 322 -32.66 -4.25 -22.62
N LEU B 323 -33.07 -3.04 -22.22
CA LEU B 323 -32.94 -1.88 -23.08
C LEU B 323 -31.49 -1.47 -23.34
N MET B 324 -30.55 -2.06 -22.61
CA MET B 324 -29.13 -1.82 -22.87
C MET B 324 -28.58 -2.70 -23.99
N GLU B 325 -29.32 -3.74 -24.37
CA GLU B 325 -28.79 -4.78 -25.24
C GLU B 325 -28.29 -4.30 -26.63
N PRO B 326 -28.89 -3.22 -27.16
CA PRO B 326 -28.50 -2.74 -28.49
C PRO B 326 -27.09 -2.11 -28.61
N MET B 327 -26.53 -1.65 -27.50
CA MET B 327 -25.21 -1.01 -27.50
C MET B 327 -24.09 -2.01 -27.21
N LEU B 328 -24.47 -3.21 -26.78
CA LEU B 328 -23.51 -4.10 -26.14
C LEU B 328 -22.47 -4.62 -27.12
N ASP B 329 -22.83 -4.72 -28.40
CA ASP B 329 -21.90 -5.25 -29.41
C ASP B 329 -20.79 -4.26 -29.71
N ALA B 330 -21.17 -2.99 -29.87
CA ALA B 330 -20.21 -1.91 -30.07
C ALA B 330 -19.37 -1.69 -28.83
N PHE B 331 -19.95 -1.89 -27.65
CA PHE B 331 -19.23 -1.70 -26.39
C PHE B 331 -18.17 -2.78 -26.25
N ARG B 332 -18.53 -4.02 -26.56
CA ARG B 332 -17.57 -5.12 -26.56
C ARG B 332 -16.44 -4.84 -27.53
N ARG B 333 -16.77 -4.27 -28.69
CA ARG B 333 -15.77 -3.94 -29.71
C ARG B 333 -14.69 -3.02 -29.14
N VAL B 334 -15.09 -2.01 -28.38
CA VAL B 334 -14.15 -1.07 -27.76
C VAL B 334 -13.37 -1.78 -26.66
N ALA B 335 -14.08 -2.44 -25.76
CA ALA B 335 -13.47 -3.12 -24.62
C ALA B 335 -12.41 -4.14 -25.04
N GLU B 336 -12.60 -4.79 -26.19
CA GLU B 336 -11.74 -5.91 -26.56
C GLU B 336 -10.40 -5.42 -27.07
N GLU B 337 -10.35 -4.13 -27.38
CA GLU B 337 -9.10 -3.49 -27.77
C GLU B 337 -8.17 -3.13 -26.60
N LEU B 338 -8.65 -3.29 -25.37
CA LEU B 338 -7.94 -2.74 -24.21
C LEU B 338 -7.12 -3.80 -23.48
N THR B 339 -6.17 -3.33 -22.67
CA THR B 339 -5.34 -4.22 -21.89
C THR B 339 -5.79 -4.19 -20.44
N TYR B 340 -5.99 -5.39 -19.89
CA TYR B 340 -6.50 -5.58 -18.54
C TYR B 340 -5.45 -6.24 -17.64
N GLN B 341 -5.12 -5.56 -16.55
CA GLN B 341 -4.15 -6.08 -15.59
C GLN B 341 -4.80 -6.66 -14.34
N ALA B 342 -4.06 -7.52 -13.65
CA ALA B 342 -4.41 -7.94 -12.30
C ALA B 342 -4.45 -6.73 -11.37
N PRO B 343 -5.50 -6.63 -10.52
CA PRO B 343 -5.63 -5.50 -9.59
C PRO B 343 -4.57 -5.53 -8.48
N SER B 344 -4.02 -4.37 -8.15
CA SER B 344 -3.13 -4.19 -7.00
C SER B 344 -3.89 -4.26 -5.68
N VAL B 345 -5.14 -3.82 -5.69
CA VAL B 345 -5.93 -3.82 -4.48
C VAL B 345 -7.20 -4.56 -4.80
N PRO B 346 -7.67 -5.41 -3.88
CA PRO B 346 -8.86 -6.21 -4.11
C PRO B 346 -10.06 -5.36 -4.56
N VAL B 347 -10.77 -5.84 -5.57
CA VAL B 347 -11.91 -5.12 -6.13
C VAL B 347 -13.14 -5.96 -5.94
N VAL B 348 -14.20 -5.34 -5.41
CA VAL B 348 -15.49 -6.01 -5.22
C VAL B 348 -16.39 -5.83 -6.43
N SER B 349 -17.07 -6.91 -6.83
CA SER B 349 -17.75 -6.97 -8.11
C SER B 349 -19.23 -6.61 -7.93
N ASN B 350 -19.75 -5.76 -8.80
CA ASN B 350 -21.19 -5.54 -8.91
C ASN B 350 -21.92 -6.78 -9.46
N LEU B 351 -21.24 -7.56 -10.30
CA LEU B 351 -21.86 -8.74 -10.90
C LEU B 351 -22.16 -9.81 -9.85
N THR B 352 -21.18 -10.10 -9.00
CA THR B 352 -21.23 -11.25 -8.11
C THR B 352 -21.48 -10.86 -6.66
N GLY B 353 -21.08 -9.64 -6.29
CA GLY B 353 -21.12 -9.22 -4.89
C GLY B 353 -19.95 -9.79 -4.09
N GLU B 354 -18.93 -10.24 -4.79
CA GLU B 354 -17.71 -10.66 -4.12
C GLU B 354 -16.53 -10.22 -4.96
N GLN B 355 -15.37 -10.72 -4.58
CA GLN B 355 -14.14 -10.28 -5.17
C GLN B 355 -14.05 -10.73 -6.63
N VAL B 356 -13.47 -9.87 -7.47
CA VAL B 356 -13.00 -10.31 -8.80
C VAL B 356 -11.49 -10.10 -8.95
N THR B 357 -10.81 -11.09 -9.51
CA THR B 357 -9.37 -10.94 -9.83
C THR B 357 -9.14 -10.97 -11.34
N ALA B 358 -10.20 -11.27 -12.09
CA ALA B 358 -10.12 -11.33 -13.55
C ALA B 358 -11.00 -10.25 -14.17
N PHE B 359 -10.39 -9.37 -14.93
CA PHE B 359 -11.12 -8.39 -15.70
C PHE B 359 -10.79 -8.56 -17.17
N ASP B 360 -11.83 -8.55 -17.99
CA ASP B 360 -11.67 -8.55 -19.45
C ASP B 360 -12.84 -7.83 -20.08
N ALA B 361 -12.79 -7.71 -21.40
CA ALA B 361 -13.86 -7.06 -22.13
C ALA B 361 -15.22 -7.68 -21.79
N ALA B 362 -15.27 -9.01 -21.69
CA ALA B 362 -16.51 -9.73 -21.36
C ALA B 362 -17.13 -9.29 -20.02
N TYR B 363 -16.29 -9.17 -18.99
CA TYR B 363 -16.73 -8.67 -17.69
C TYR B 363 -17.51 -7.35 -17.81
N TRP B 364 -16.95 -6.37 -18.52
CA TRP B 364 -17.52 -5.02 -18.55
C TRP B 364 -18.85 -4.96 -19.31
N VAL B 365 -18.97 -5.83 -20.30
CA VAL B 365 -20.18 -5.93 -21.10
C VAL B 365 -21.32 -6.49 -20.26
N GLU B 366 -21.04 -7.57 -19.51
CA GLU B 366 -22.05 -8.14 -18.62
C GLU B 366 -22.38 -7.15 -17.53
N HIS B 367 -21.35 -6.48 -17.06
CA HIS B 367 -21.49 -5.48 -16.02
C HIS B 367 -22.58 -4.46 -16.39
N VAL B 368 -22.46 -3.91 -17.59
CA VAL B 368 -23.47 -3.00 -18.15
C VAL B 368 -24.90 -3.54 -18.09
N ARG B 369 -25.06 -4.82 -18.38
CA ARG B 369 -26.38 -5.43 -18.60
C ARG B 369 -27.04 -5.88 -17.32
N ARG B 370 -26.28 -6.56 -16.46
CA ARG B 370 -26.88 -7.28 -15.35
C ARG B 370 -26.90 -6.44 -14.08
N ALA B 371 -27.54 -6.98 -13.06
CA ALA B 371 -27.84 -6.23 -11.84
C ALA B 371 -26.60 -5.87 -11.05
N VAL B 372 -26.66 -4.74 -10.34
CA VAL B 372 -25.61 -4.31 -9.46
C VAL B 372 -25.93 -4.84 -8.10
N ARG B 373 -25.16 -5.81 -7.64
CA ARG B 373 -25.37 -6.37 -6.31
C ARG B 373 -24.59 -5.61 -5.25
N PHE B 374 -25.00 -4.37 -5.00
CA PHE B 374 -24.33 -3.51 -4.03
C PHE B 374 -24.38 -4.00 -2.59
N ALA B 375 -25.55 -4.44 -2.15
CA ALA B 375 -25.73 -4.90 -0.79
C ALA B 375 -24.89 -6.12 -0.47
N ASP B 376 -24.80 -7.03 -1.43
CA ASP B 376 -24.02 -8.23 -1.25
C ASP B 376 -22.57 -7.87 -1.10
N GLY B 377 -22.15 -6.90 -1.89
CA GLY B 377 -20.80 -6.42 -1.83
C GLY B 377 -20.49 -5.82 -0.48
N ILE B 378 -21.43 -5.06 0.07
CA ILE B 378 -21.25 -4.50 1.39
C ILE B 378 -21.12 -5.61 2.41
N GLY B 379 -21.95 -6.63 2.27
CA GLY B 379 -21.90 -7.75 3.17
C GLY B 379 -20.58 -8.45 3.04
N PHE B 380 -20.10 -8.56 1.82
CA PHE B 380 -18.84 -9.21 1.58
C PHE B 380 -17.73 -8.45 2.27
N LEU B 381 -17.79 -7.14 2.23
CA LEU B 381 -16.77 -6.30 2.84
C LEU B 381 -16.69 -6.47 4.35
N ALA B 382 -17.84 -6.52 5.01
CA ALA B 382 -17.91 -6.73 6.44
C ALA B 382 -17.34 -8.09 6.81
N SER B 383 -17.62 -9.07 5.97
CA SER B 383 -17.20 -10.44 6.20
C SER B 383 -15.69 -10.52 6.27
N ARG B 384 -15.04 -9.64 5.51
CA ARG B 384 -13.59 -9.54 5.45
C ARG B 384 -13.00 -8.60 6.49
N GLY B 385 -13.82 -8.08 7.39
CA GLY B 385 -13.33 -7.28 8.51
C GLY B 385 -13.27 -5.78 8.24
N VAL B 386 -13.94 -5.32 7.19
CA VAL B 386 -14.00 -3.88 6.90
C VAL B 386 -14.99 -3.20 7.83
N THR B 387 -14.54 -2.13 8.50
CA THR B 387 -15.38 -1.38 9.45
C THR B 387 -15.33 0.12 9.13
N ARG B 388 -14.52 0.48 8.14
CA ARG B 388 -14.44 1.87 7.73
C ARG B 388 -14.80 1.97 6.26
N PHE B 389 -15.86 2.70 5.95
CA PHE B 389 -16.34 2.86 4.59
C PHE B 389 -16.35 4.33 4.23
N VAL B 390 -15.53 4.70 3.26
CA VAL B 390 -15.46 6.07 2.83
C VAL B 390 -15.97 6.19 1.42
N GLU B 391 -16.90 7.11 1.21
CA GLU B 391 -17.50 7.25 -0.09
C GLU B 391 -16.81 8.35 -0.86
N LEU B 392 -16.27 7.99 -2.03
CA LEU B 392 -15.64 8.97 -2.88
C LEU B 392 -16.64 9.30 -3.95
N GLY B 393 -17.27 10.45 -3.80
CA GLY B 393 -18.27 10.90 -4.73
C GLY B 393 -18.67 12.31 -4.43
N PRO B 394 -19.48 12.91 -5.31
CA PRO B 394 -19.99 14.28 -5.20
C PRO B 394 -20.87 14.44 -3.98
N ASP B 395 -21.60 13.41 -3.67
CA ASP B 395 -22.49 13.43 -2.55
C ASP B 395 -22.32 12.11 -1.81
N GLY B 396 -22.84 12.05 -0.61
CA GLY B 396 -22.76 10.79 0.08
C GLY B 396 -24.01 9.97 -0.10
N VAL B 397 -24.34 9.55 -1.31
CA VAL B 397 -25.57 8.75 -1.41
C VAL B 397 -25.30 7.28 -1.06
N LEU B 398 -24.17 6.80 -1.52
CA LEU B 398 -23.69 5.46 -1.31
C LEU B 398 -23.59 5.11 0.16
N THR B 399 -23.18 6.06 0.97
CA THR B 399 -23.05 5.79 2.39
C THR B 399 -24.39 5.46 2.97
N ALA B 400 -25.42 6.17 2.54
CA ALA B 400 -26.76 5.89 3.01
C ALA B 400 -27.21 4.49 2.61
N MET B 401 -26.92 4.09 1.38
CA MET B 401 -27.30 2.76 0.94
C MET B 401 -26.61 1.68 1.73
N ALA B 402 -25.33 1.88 1.99
CA ALA B 402 -24.57 0.89 2.71
C ALA B 402 -25.14 0.77 4.11
N GLN B 403 -25.56 1.90 4.65
CA GLN B 403 -26.11 1.94 5.98
C GLN B 403 -27.26 0.98 6.17
N GLU B 404 -28.03 0.75 5.10
CA GLU B 404 -29.10 -0.24 5.13
C GLU B 404 -28.56 -1.58 5.63
N THR B 405 -27.47 -2.00 5.02
CA THR B 405 -26.77 -3.23 5.36
C THR B 405 -26.07 -3.25 6.72
N LEU B 406 -25.48 -2.13 7.12
CA LEU B 406 -24.76 -2.07 8.39
C LEU B 406 -25.35 -1.08 9.37
N THR B 407 -25.72 -1.57 10.55
CA THR B 407 -26.31 -0.70 11.57
C THR B 407 -25.47 -0.45 12.81
N ASP B 408 -24.31 -1.08 12.92
CA ASP B 408 -23.48 -0.91 14.11
C ASP B 408 -22.93 0.49 14.30
N PRO B 409 -22.90 0.94 15.55
CA PRO B 409 -22.33 2.24 15.94
C PRO B 409 -20.83 2.27 15.66
N GLU B 410 -20.18 1.14 15.91
CA GLU B 410 -18.75 1.01 15.72
C GLU B 410 -18.33 1.22 14.28
N THR B 411 -19.10 0.72 13.34
CA THR B 411 -18.78 0.94 11.93
C THR B 411 -18.90 2.40 11.52
N LEU B 412 -17.94 2.86 10.73
CA LEU B 412 -17.93 4.24 10.26
C LEU B 412 -18.21 4.33 8.77
N LEU B 413 -19.18 5.16 8.40
CA LEU B 413 -19.49 5.41 7.02
C LEU B 413 -19.45 6.89 6.77
N LEU B 414 -18.59 7.30 5.85
CA LEU B 414 -18.26 8.70 5.71
C LEU B 414 -18.34 9.05 4.25
N PRO B 415 -19.09 10.11 3.92
CA PRO B 415 -18.86 10.77 2.65
C PRO B 415 -17.81 11.83 2.78
N VAL B 416 -17.03 11.99 1.73
CA VAL B 416 -15.95 12.93 1.71
C VAL B 416 -16.47 14.30 1.29
N LEU B 417 -17.52 14.32 0.48
CA LEU B 417 -18.20 15.57 0.11
C LEU B 417 -19.68 15.57 0.52
N ARG B 418 -20.12 16.77 0.84
CA ARG B 418 -21.45 17.03 1.28
C ARG B 418 -22.13 18.07 0.45
N LYS B 419 -23.36 17.81 0.05
CA LYS B 419 -24.19 18.86 -0.53
C LYS B 419 -24.59 19.67 0.71
N ASP B 420 -24.66 20.99 0.57
CA ASP B 420 -24.96 22.06 1.59
C ASP B 420 -23.75 22.56 2.35
N ARG B 421 -22.56 22.09 2.00
CA ARG B 421 -21.35 22.58 2.62
C ARG B 421 -20.32 22.81 1.57
N PRO B 422 -19.44 23.77 1.79
CA PRO B 422 -18.35 24.05 0.86
C PRO B 422 -17.47 22.80 0.80
N GLU B 423 -16.98 22.48 -0.38
CA GLU B 423 -16.30 21.22 -0.56
C GLU B 423 -15.04 21.12 0.31
N PRO B 424 -14.26 22.23 0.47
CA PRO B 424 -13.03 22.14 1.27
C PRO B 424 -13.33 21.86 2.74
N GLU B 425 -14.38 22.48 3.25
CA GLU B 425 -14.84 22.23 4.61
C GLU B 425 -15.31 20.79 4.75
N ALA B 426 -16.00 20.30 3.75
CA ALA B 426 -16.58 18.97 3.84
C ALA B 426 -15.46 17.97 3.86
N PHE B 427 -14.50 18.18 2.98
CA PHE B 427 -13.39 17.27 2.85
C PHE B 427 -12.53 17.27 4.11
N LEU B 428 -12.30 18.44 4.68
CA LEU B 428 -11.53 18.55 5.91
C LEU B 428 -12.24 17.89 7.10
N ASP B 429 -13.54 18.09 7.22
CA ASP B 429 -14.31 17.45 8.27
C ASP B 429 -14.37 15.92 8.15
N ALA B 430 -14.35 15.40 6.93
CA ALA B 430 -14.33 13.96 6.77
C ALA B 430 -12.99 13.38 7.19
N LEU B 431 -11.92 14.10 6.86
CA LEU B 431 -10.60 13.72 7.31
C LEU B 431 -10.56 13.67 8.84
N ALA B 432 -11.09 14.73 9.48
CA ALA B 432 -11.01 14.89 10.91
C ALA B 432 -11.74 13.75 11.62
N GLN B 433 -12.93 13.47 11.12
CA GLN B 433 -13.78 12.43 11.69
C GLN B 433 -13.13 11.06 11.50
N ALA B 434 -12.64 10.79 10.31
CA ALA B 434 -11.94 9.53 10.03
C ALA B 434 -10.75 9.29 10.98
N TRP B 435 -9.89 10.30 11.08
CA TRP B 435 -8.73 10.20 11.94
C TRP B 435 -9.12 9.95 13.40
N THR B 436 -10.17 10.63 13.80
CA THR B 436 -10.64 10.56 15.15
C THR B 436 -11.11 9.13 15.51
N ARG B 437 -11.48 8.34 14.52
CA ARG B 437 -11.93 6.97 14.75
C ARG B 437 -10.83 5.99 14.34
N GLY B 438 -9.64 6.50 14.10
CA GLY B 438 -8.49 5.60 13.92
C GLY B 438 -8.00 5.42 12.49
N VAL B 439 -8.68 6.01 11.52
CA VAL B 439 -8.14 5.98 10.18
C VAL B 439 -6.85 6.78 10.13
N ASP B 440 -5.82 6.18 9.55
CA ASP B 440 -4.49 6.77 9.60
C ASP B 440 -4.30 7.88 8.56
N VAL B 441 -4.50 9.11 8.99
CA VAL B 441 -4.37 10.25 8.11
C VAL B 441 -2.98 10.84 8.32
N ASP B 442 -2.33 11.20 7.23
CA ASP B 442 -0.99 11.80 7.28
C ASP B 442 -1.09 13.33 7.34
N TRP B 443 -1.36 13.86 8.53
CA TRP B 443 -1.61 15.28 8.68
C TRP B 443 -0.43 16.12 8.23
N ALA B 444 0.76 15.56 8.34
CA ALA B 444 2.00 16.28 8.03
C ALA B 444 2.08 16.65 6.54
N ALA B 445 1.44 15.84 5.70
CA ALA B 445 1.34 16.10 4.29
C ALA B 445 0.52 17.35 3.99
N ARG B 446 -0.29 17.78 4.94
CA ARG B 446 -1.05 19.03 4.79
C ARG B 446 -0.38 20.19 5.55
N TYR B 447 0.04 19.89 6.78
CA TYR B 447 0.75 20.87 7.59
C TYR B 447 2.20 20.43 7.76
N GLY B 448 3.06 20.89 6.86
CA GLY B 448 4.46 20.45 6.80
C GLY B 448 5.28 20.91 7.99
N PRO B 449 6.42 20.26 8.21
CA PRO B 449 7.28 20.58 9.34
C PRO B 449 7.85 22.00 9.35
N GLU B 450 8.11 22.55 8.17
CA GLU B 450 8.76 23.88 8.08
C GLU B 450 7.95 25.03 8.75
N GLN B 451 6.63 24.88 8.80
CA GLN B 451 5.77 25.82 9.50
C GLN B 451 5.81 25.72 11.02
N SER B 452 6.18 24.56 11.57
CA SER B 452 6.27 24.39 13.03
C SER B 452 7.54 25.02 13.63
N THR B 453 8.53 25.30 12.79
CA THR B 453 9.82 25.74 13.35
C THR B 453 9.68 27.12 14.01
N GLY B 454 10.01 27.13 15.30
CA GLY B 454 9.87 28.30 16.13
C GLY B 454 8.74 28.20 17.15
N VAL B 455 7.72 27.41 16.88
CA VAL B 455 6.63 27.31 17.84
C VAL B 455 6.98 26.42 19.03
N SER B 456 6.79 26.94 20.23
CA SER B 456 7.05 26.15 21.42
C SER B 456 5.73 25.83 22.10
N LEU B 457 5.31 24.57 21.97
CA LEU B 457 4.07 24.12 22.56
C LEU B 457 4.22 23.96 24.06
N PRO B 458 3.13 24.12 24.81
CA PRO B 458 3.19 23.99 26.27
C PRO B 458 3.55 22.56 26.67
N THR B 459 4.38 22.41 27.69
CA THR B 459 4.79 21.09 28.17
C THR B 459 3.92 20.62 29.31
#